data_9P4S
#
_entry.id   9P4S
#
_cell.length_a   1.00
_cell.length_b   1.00
_cell.length_c   1.00
_cell.angle_alpha   90.00
_cell.angle_beta   90.00
_cell.angle_gamma   90.00
#
_symmetry.space_group_name_H-M   'P 1'
#
loop_
_entity.id
_entity.type
_entity.pdbx_description
1 polymer 'HmuS heme dechelatase'
2 non-polymer 'SODIUM ION'
3 water water
#
_entity_poly.entity_id   1
_entity_poly.type   'polypeptide(L)'
_entity_poly.pdbx_seq_one_letter_code
;MKKKSKIILGGCIVVAALIGLSVWNTWFSATKIAFVNFQTIQQGSISKANDNSFIKLSEVSLDNLDRLTSYDMVFINGMG
LRIVEEQRQQIQQAADKGIPVYTSMATNPANNICNLDSIQQNLIRGYLSNGGKTNYRNMLNYIRKAIDGKASAVPEVEDP
IERPSDMLYHAGISNPDDEQEFLTVADYEKFMQENNLYKEGARKIMITGQMADATDLIKALENAGYNVYPVQSMTRFMSF
IEEVQPDAVINMAHGRMGDKMVDYLKARNILLFAPLTINSLVDEWENDPMGMSGGFMSQSIVTPEIDGAIRPFALFAQYE
DKEGLRHSYAVPERLKTFVSTIDNYLNLKTKPNFEKKVAIYYYKGPGQNALTAAGMEVVPSLYNLLLRMKQEGYNISGLP
ANAQELGKMIQAQGAVFNAYAEGAFNDFMQNGHPELITKEQYESWVKESLRPEKYQEVVDAFGEFPGNYMVTPDGKLGIA
RLQFGNVVLLPQNAAGSGDNSFQVVHGTDMAPPHTYIASYLWMQHGFKADALIHFGTHGSLEFTPRKQVALCSNDWPDRL
VGAVPHYYLYSIGNVGEGMMAKRRSYATLQSYLTPPFLESSVRGIYRELMEKIKIYNNSQKANKDQESLAVKTLTVKMGI
HRDLGLDSMANKPYTEDEIARVENFAEELATEKITGQLYTMGVPYEPERITSSVYAMATEPIAYSLFALDKQRGKATESA
EKHRSVFTQQYLMPARLLVERLMANPSLATDELICHTAGITPQELAKARQIEAERNAPKGMMAMMMAAAAKKDQADNEPS
GNGHPASAKMEKGPHGKMPAGMKEAMKKMGANMDPEKAMEMAKSMGASPEALKKMEASMKANKDTSTDASGKPAMAGKTE
KPQGMSAMMAAMGKAPKEYSKEEVEFALAVAEVERTIKNVGNYKNALLTSPEEELSSLMNALKGGYTAPTPGGDPIANPN
TLPTGRNMYAINAEATPTESAWEKGIALAKQTIDRYKQRHNDSIPRKVSYTLWSSEFIETGGATIAQVLYMLGVEPVRDA
FGRVSDLKLIPSTELGRPRIDVVVQTSGQLRDLAASRLFLINRAVEMAAAAKDDKYENQVASSVIEAERVLTEKGLSPKD
AREISTFRVFGGANGMYGTGIQEMVESGDRWENESEIADTYLNNMGAYYGSEKNWEVFQKFAFEAALTRTDVVVQPRQSN
TWGALSLDHVYEFMGGMNLAVRNVTGKDPDAYLSDYRNRNHMKMQELKEAVGVESRTTILNPTYIKEKMKGGASSASEFA
EVITNTYGWNVMKPAAIDKELWDNIYNVYVKDELNLGVKQYFEQQNPAALEEMTAVMLESARKGLWQASEEQVAELSKLH
TEIVNTYRPSCSGFVCDNAKLRDFIASKADAQTATQYKENISKIREAKASGSNKGVVMKKEEMNQTAENQTNTLSNVAVG
IAVIIVILALILFVRKRRKSSQM
;
_entity_poly.pdbx_strand_id   A
#
# COMPACT_ATOMS: atom_id res chain seq x y z
N PRO A 164 -31.55 -17.57 31.68
CA PRO A 164 -31.59 -16.11 31.53
C PRO A 164 -30.74 -15.64 30.35
N SER A 165 -31.17 -14.55 29.71
CA SER A 165 -30.45 -13.99 28.57
C SER A 165 -29.47 -12.88 28.95
N ASP A 166 -29.69 -12.23 30.09
CA ASP A 166 -28.83 -11.15 30.56
C ASP A 166 -28.48 -11.42 32.01
N MET A 167 -27.21 -11.71 32.28
CA MET A 167 -26.81 -12.16 33.62
C MET A 167 -25.31 -12.02 33.78
N LEU A 168 -24.85 -12.27 35.00
CA LEU A 168 -23.45 -12.52 35.30
C LEU A 168 -23.31 -13.98 35.71
N TYR A 169 -22.22 -14.62 35.31
CA TYR A 169 -22.07 -16.03 35.57
C TYR A 169 -20.70 -16.33 36.18
N HIS A 170 -20.62 -17.45 36.89
CA HIS A 170 -19.37 -17.93 37.45
C HIS A 170 -19.44 -19.43 37.61
N ALA A 171 -18.28 -20.05 37.81
CA ALA A 171 -18.20 -21.48 38.05
C ALA A 171 -18.29 -21.76 39.55
N GLY A 172 -18.91 -22.89 39.89
CA GLY A 172 -19.05 -23.24 41.29
C GLY A 172 -17.71 -23.49 41.96
N ILE A 173 -17.65 -23.18 43.25
CA ILE A 173 -16.42 -23.33 44.00
C ILE A 173 -16.20 -24.80 44.38
N SER A 174 -17.13 -25.34 45.17
CA SER A 174 -17.04 -26.75 45.55
C SER A 174 -17.21 -27.66 44.33
N ASN A 175 -18.16 -27.33 43.46
CA ASN A 175 -18.42 -28.09 42.24
C ASN A 175 -18.16 -27.22 41.03
N PRO A 176 -16.99 -27.32 40.40
CA PRO A 176 -16.72 -26.50 39.21
C PRO A 176 -17.61 -26.84 38.02
N ASP A 177 -18.29 -28.00 38.03
CA ASP A 177 -19.10 -28.41 36.88
C ASP A 177 -20.34 -27.52 36.72
N ASP A 178 -21.07 -27.30 37.80
CA ASP A 178 -22.29 -26.51 37.70
C ASP A 178 -21.98 -25.02 37.77
N GLU A 179 -22.88 -24.22 37.19
CA GLU A 179 -22.66 -22.80 36.98
C GLU A 179 -23.62 -21.99 37.84
N GLN A 180 -23.08 -20.95 38.46
CA GLN A 180 -23.86 -20.01 39.26
C GLN A 180 -24.18 -18.79 38.43
N GLU A 181 -25.44 -18.34 38.52
CA GLU A 181 -25.94 -17.22 37.74
C GLU A 181 -26.53 -16.16 38.66
N PHE A 182 -26.27 -14.90 38.34
CA PHE A 182 -26.73 -13.77 39.13
C PHE A 182 -27.35 -12.72 38.20
N LEU A 183 -28.34 -12.01 38.72
CA LEU A 183 -29.07 -11.02 37.93
C LEU A 183 -28.64 -9.59 38.20
N THR A 184 -27.99 -9.32 39.33
CA THR A 184 -27.56 -7.97 39.68
C THR A 184 -26.10 -8.00 40.12
N VAL A 185 -25.46 -6.84 40.02
CA VAL A 185 -24.05 -6.72 40.41
C VAL A 185 -23.88 -6.92 41.91
N ALA A 186 -24.85 -6.48 42.71
CA ALA A 186 -24.73 -6.60 44.16
C ALA A 186 -24.70 -8.08 44.58
N ASP A 187 -25.53 -8.91 43.96
CA ASP A 187 -25.51 -10.33 44.27
C ASP A 187 -24.16 -10.96 43.95
N TYR A 188 -23.59 -10.61 42.79
CA TYR A 188 -22.29 -11.15 42.42
C TYR A 188 -21.20 -10.68 43.37
N GLU A 189 -21.26 -9.42 43.80
CA GLU A 189 -20.26 -8.91 44.74
C GLU A 189 -20.38 -9.61 46.09
N LYS A 190 -21.61 -9.85 46.55
CA LYS A 190 -21.80 -10.59 47.80
C LYS A 190 -21.28 -12.02 47.67
N PHE A 191 -21.53 -12.65 46.53
CA PHE A 191 -20.99 -13.99 46.28
C PHE A 191 -19.46 -13.99 46.31
N MET A 192 -18.84 -12.99 45.70
CA MET A 192 -17.39 -12.89 45.72
C MET A 192 -16.87 -12.70 47.15
N GLN A 193 -17.54 -11.85 47.93
CA GLN A 193 -17.08 -11.60 49.29
C GLN A 193 -17.27 -12.82 50.18
N GLU A 194 -18.28 -13.64 49.92
CA GLU A 194 -18.47 -14.87 50.70
C GLU A 194 -17.35 -15.87 50.44
N ASN A 195 -16.88 -15.95 49.20
CA ASN A 195 -15.91 -16.97 48.81
C ASN A 195 -14.48 -16.44 48.72
N ASN A 196 -14.23 -15.26 49.28
CA ASN A 196 -12.88 -14.67 49.32
C ASN A 196 -12.29 -14.52 47.92
N LEU A 197 -13.12 -14.05 46.99
CA LEU A 197 -12.68 -13.74 45.64
C LEU A 197 -12.50 -12.25 45.40
N TYR A 198 -12.71 -11.41 46.41
CA TYR A 198 -12.65 -9.97 46.27
C TYR A 198 -11.37 -9.44 46.89
N LYS A 199 -10.68 -8.57 46.17
CA LYS A 199 -9.44 -7.94 46.65
C LYS A 199 -9.63 -6.43 46.66
N GLU A 200 -9.25 -5.81 47.77
CA GLU A 200 -9.45 -4.37 47.93
C GLU A 200 -8.42 -3.60 47.10
N GLY A 201 -8.90 -2.65 46.31
CA GLY A 201 -8.05 -1.79 45.53
C GLY A 201 -7.53 -2.38 44.23
N ALA A 202 -7.91 -3.61 43.90
CA ALA A 202 -7.46 -4.23 42.67
C ALA A 202 -8.22 -3.69 41.47
N ARG A 203 -7.63 -3.83 40.30
CA ARG A 203 -8.25 -3.37 39.07
C ARG A 203 -9.28 -4.37 38.58
N LYS A 204 -10.23 -3.88 37.78
CA LYS A 204 -11.39 -4.65 37.36
C LYS A 204 -11.33 -4.93 35.87
N ILE A 205 -11.72 -6.15 35.48
CA ILE A 205 -11.78 -6.57 34.09
C ILE A 205 -13.14 -7.23 33.85
N MET A 206 -13.78 -6.87 32.74
CA MET A 206 -15.07 -7.42 32.37
C MET A 206 -14.93 -8.30 31.14
N ILE A 207 -15.59 -9.45 31.14
CA ILE A 207 -15.46 -10.44 30.07
C ILE A 207 -16.84 -10.71 29.49
N THR A 208 -16.97 -10.50 28.18
CA THR A 208 -18.22 -10.71 27.46
C THR A 208 -17.98 -11.60 26.25
N GLY A 209 -19.02 -12.31 25.83
CA GLY A 209 -18.95 -13.16 24.66
C GLY A 209 -19.53 -14.54 24.93
N GLN A 210 -19.71 -15.28 23.83
CA GLN A 210 -20.26 -16.63 23.90
C GLN A 210 -19.55 -17.61 22.98
N MET A 211 -18.44 -17.22 22.35
CA MET A 211 -17.83 -18.07 21.34
C MET A 211 -17.13 -19.30 21.90
N ALA A 212 -16.71 -19.26 23.16
CA ALA A 212 -15.94 -20.36 23.73
C ALA A 212 -16.17 -20.42 25.23
N ASP A 213 -15.54 -21.41 25.87
CA ASP A 213 -15.58 -21.59 27.31
C ASP A 213 -14.36 -20.93 27.92
N ALA A 214 -14.57 -19.97 28.82
CA ALA A 214 -13.50 -19.12 29.34
C ALA A 214 -13.26 -19.32 30.83
N THR A 215 -13.39 -20.55 31.33
CA THR A 215 -13.13 -20.81 32.74
C THR A 215 -11.65 -20.62 33.08
N ASP A 216 -10.77 -21.18 32.26
CA ASP A 216 -9.33 -21.10 32.53
C ASP A 216 -8.84 -19.66 32.45
N LEU A 217 -9.36 -18.88 31.50
CA LEU A 217 -8.97 -17.48 31.40
C LEU A 217 -9.37 -16.71 32.67
N ILE A 218 -10.59 -16.96 33.17
CA ILE A 218 -11.04 -16.29 34.38
C ILE A 218 -10.16 -16.68 35.57
N LYS A 219 -9.85 -17.97 35.69
CA LYS A 219 -9.01 -18.42 36.80
C LYS A 219 -7.61 -17.81 36.72
N ALA A 220 -7.03 -17.76 35.52
CA ALA A 220 -5.70 -17.18 35.37
C ALA A 220 -5.70 -15.70 35.70
N LEU A 221 -6.73 -14.97 35.24
CA LEU A 221 -6.81 -13.54 35.54
C LEU A 221 -6.98 -13.30 37.04
N GLU A 222 -7.78 -14.14 37.71
CA GLU A 222 -7.94 -14.01 39.16
C GLU A 222 -6.64 -14.31 39.88
N ASN A 223 -5.89 -15.31 39.42
CA ASN A 223 -4.58 -15.61 40.03
C ASN A 223 -3.61 -14.46 39.80
N ALA A 224 -3.71 -13.77 38.67
CA ALA A 224 -2.85 -12.61 38.43
C ALA A 224 -3.15 -11.44 39.35
N GLY A 225 -4.29 -11.44 40.03
CA GLY A 225 -4.59 -10.39 40.99
C GLY A 225 -5.57 -9.34 40.50
N TYR A 226 -6.65 -9.77 39.84
CA TYR A 226 -7.68 -8.87 39.34
C TYR A 226 -9.04 -9.28 39.86
N ASN A 227 -10.02 -8.41 39.65
CA ASN A 227 -11.43 -8.69 39.91
C ASN A 227 -12.13 -8.85 38.56
N VAL A 228 -12.71 -10.01 38.32
CA VAL A 228 -13.23 -10.39 37.01
C VAL A 228 -14.75 -10.42 37.07
N TYR A 229 -15.39 -9.82 36.08
CA TYR A 229 -16.85 -9.82 35.96
C TYR A 229 -17.24 -10.51 34.66
N PRO A 230 -17.64 -11.79 34.71
CA PRO A 230 -18.12 -12.48 33.49
C PRO A 230 -19.59 -12.19 33.26
N VAL A 231 -19.87 -11.45 32.19
CA VAL A 231 -21.23 -11.00 31.87
C VAL A 231 -21.66 -11.65 30.56
N GLN A 232 -22.85 -12.25 30.57
CA GLN A 232 -23.46 -12.79 29.37
C GLN A 232 -24.72 -11.98 29.08
N SER A 233 -24.66 -11.13 28.06
CA SER A 233 -25.78 -10.28 27.69
C SER A 233 -25.60 -9.88 26.24
N MET A 234 -26.51 -10.33 25.38
CA MET A 234 -26.35 -10.14 23.94
C MET A 234 -26.66 -8.72 23.50
N THR A 235 -27.65 -8.08 24.13
CA THR A 235 -28.12 -6.76 23.70
C THR A 235 -27.84 -5.68 24.74
N ARG A 236 -28.31 -5.86 25.97
CA ARG A 236 -28.20 -4.82 26.99
C ARG A 236 -26.99 -5.08 27.90
N PHE A 237 -25.80 -5.00 27.31
CA PHE A 237 -24.57 -5.12 28.06
C PHE A 237 -24.00 -3.77 28.51
N MET A 238 -24.59 -2.66 28.06
CA MET A 238 -24.07 -1.36 28.46
C MET A 238 -24.44 -1.01 29.89
N SER A 239 -25.57 -1.51 30.38
CA SER A 239 -25.97 -1.23 31.76
C SER A 239 -24.96 -1.81 32.75
N PHE A 240 -24.52 -3.06 32.53
CA PHE A 240 -23.53 -3.67 33.41
C PHE A 240 -22.22 -2.89 33.36
N ILE A 241 -21.79 -2.48 32.17
CA ILE A 241 -20.54 -1.73 32.03
C ILE A 241 -20.62 -0.40 32.78
N GLU A 242 -21.74 0.30 32.64
CA GLU A 242 -21.91 1.56 33.34
C GLU A 242 -21.97 1.37 34.85
N GLU A 243 -22.55 0.26 35.32
CA GLU A 243 -22.62 0.03 36.76
C GLU A 243 -21.26 -0.34 37.33
N VAL A 244 -20.46 -1.11 36.59
CA VAL A 244 -19.21 -1.62 37.14
C VAL A 244 -18.06 -0.65 36.95
N GLN A 245 -17.97 -0.01 35.78
CA GLN A 245 -16.86 0.88 35.42
C GLN A 245 -15.53 0.15 35.48
N PRO A 246 -15.27 -0.77 34.56
CA PRO A 246 -14.03 -1.56 34.61
C PRO A 246 -12.85 -0.75 34.08
N ASP A 247 -11.69 -1.40 34.06
CA ASP A 247 -10.47 -0.82 33.51
C ASP A 247 -10.10 -1.39 32.15
N ALA A 248 -10.68 -2.51 31.76
CA ALA A 248 -10.47 -3.09 30.44
C ALA A 248 -11.63 -4.00 30.13
N VAL A 249 -11.83 -4.26 28.83
CA VAL A 249 -12.91 -5.11 28.35
C VAL A 249 -12.32 -6.14 27.41
N ILE A 250 -12.67 -7.41 27.62
CA ILE A 250 -12.25 -8.51 26.75
C ILE A 250 -13.51 -9.10 26.13
N ASN A 251 -13.53 -9.19 24.81
CA ASN A 251 -14.72 -9.59 24.06
C ASN A 251 -14.38 -10.75 23.14
N MET A 252 -15.10 -11.86 23.29
CA MET A 252 -15.04 -12.97 22.34
C MET A 252 -16.04 -12.62 21.24
N ALA A 253 -15.59 -11.79 20.29
CA ALA A 253 -16.49 -11.06 19.43
C ALA A 253 -17.15 -11.94 18.38
N HIS A 254 -18.43 -11.65 18.12
CA HIS A 254 -19.16 -12.19 16.97
C HIS A 254 -20.00 -11.03 16.43
N GLY A 255 -19.41 -10.27 15.51
CA GLY A 255 -20.06 -9.09 14.97
C GLY A 255 -19.50 -7.80 15.53
N ARG A 256 -20.35 -6.78 15.55
CA ARG A 256 -20.00 -5.44 15.99
C ARG A 256 -20.81 -5.07 17.22
N MET A 257 -20.25 -4.19 18.05
CA MET A 257 -20.90 -3.75 19.28
C MET A 257 -21.71 -2.47 19.13
N GLY A 258 -21.24 -1.52 18.34
CA GLY A 258 -22.00 -0.32 18.04
C GLY A 258 -21.26 0.95 18.42
N ASP A 259 -21.90 2.08 18.12
CA ASP A 259 -21.32 3.39 18.37
C ASP A 259 -21.37 3.78 19.84
N LYS A 260 -22.34 3.25 20.59
CA LYS A 260 -22.40 3.54 22.03
C LYS A 260 -21.15 3.07 22.74
N MET A 261 -20.64 1.88 22.37
CA MET A 261 -19.41 1.38 22.95
C MET A 261 -18.23 2.29 22.61
N VAL A 262 -18.17 2.79 21.37
CA VAL A 262 -17.09 3.68 20.98
C VAL A 262 -17.13 4.97 21.78
N ASP A 263 -18.34 5.52 21.96
CA ASP A 263 -18.47 6.74 22.74
C ASP A 263 -18.05 6.51 24.19
N TYR A 264 -18.47 5.38 24.77
CA TYR A 264 -18.08 5.08 26.15
C TYR A 264 -16.57 4.91 26.28
N LEU A 265 -15.95 4.23 25.32
CA LEU A 265 -14.50 4.02 25.36
C LEU A 265 -13.76 5.34 25.24
N LYS A 266 -14.22 6.23 24.36
CA LYS A 266 -13.57 7.54 24.25
C LYS A 266 -13.76 8.36 25.51
N ALA A 267 -14.95 8.32 26.12
CA ALA A 267 -15.18 9.09 27.33
C ALA A 267 -14.34 8.56 28.50
N ARG A 268 -14.21 7.25 28.62
CA ARG A 268 -13.51 6.64 29.74
C ARG A 268 -12.03 6.40 29.49
N ASN A 269 -11.61 6.35 28.22
CA ASN A 269 -10.21 6.20 27.85
C ASN A 269 -9.63 4.88 28.37
N ILE A 270 -10.27 3.78 27.97
CA ILE A 270 -9.83 2.43 28.32
C ILE A 270 -9.73 1.60 27.06
N LEU A 271 -9.19 0.40 27.21
CA LEU A 271 -8.85 -0.47 26.08
C LEU A 271 -9.89 -1.56 25.86
N LEU A 272 -9.83 -2.18 24.69
CA LEU A 272 -10.72 -3.28 24.30
C LEU A 272 -9.92 -4.33 23.55
N PHE A 273 -10.03 -5.58 23.98
CA PHE A 273 -9.30 -6.69 23.40
C PHE A 273 -10.26 -7.66 22.73
N ALA A 274 -9.72 -8.52 21.86
CA ALA A 274 -10.55 -9.46 21.13
C ALA A 274 -9.76 -10.69 20.68
N PRO A 275 -9.66 -11.73 21.50
CA PRO A 275 -8.99 -12.96 21.08
C PRO A 275 -9.86 -13.77 20.13
N LEU A 276 -9.23 -14.77 19.52
CA LEU A 276 -9.85 -15.57 18.46
C LEU A 276 -10.12 -17.00 18.93
N THR A 277 -10.97 -17.68 18.16
CA THR A 277 -11.36 -19.06 18.43
C THR A 277 -11.22 -19.88 17.15
N ILE A 278 -10.69 -21.11 17.30
CA ILE A 278 -10.48 -22.02 16.18
C ILE A 278 -11.35 -23.24 16.38
N ASN A 279 -12.16 -23.58 15.38
CA ASN A 279 -13.09 -24.70 15.46
C ASN A 279 -12.49 -25.97 14.87
N SER A 280 -11.37 -26.39 15.43
CA SER A 280 -10.69 -27.62 15.01
C SER A 280 -9.70 -28.01 16.08
N LEU A 281 -9.02 -29.13 15.85
CA LEU A 281 -7.97 -29.58 16.75
C LEU A 281 -6.70 -28.76 16.52
N VAL A 282 -5.80 -28.83 17.50
CA VAL A 282 -4.55 -28.06 17.41
C VAL A 282 -3.70 -28.57 16.26
N ASP A 283 -3.64 -29.88 16.06
CA ASP A 283 -2.83 -30.46 14.99
C ASP A 283 -3.30 -29.97 13.63
N GLU A 284 -4.61 -29.96 13.40
CA GLU A 284 -5.14 -29.47 12.13
C GLU A 284 -4.88 -27.99 11.96
N TRP A 285 -5.03 -27.21 13.04
CA TRP A 285 -4.83 -25.77 12.95
C TRP A 285 -3.39 -25.41 12.62
N GLU A 286 -2.43 -26.14 13.19
CA GLU A 286 -1.03 -25.80 12.97
C GLU A 286 -0.55 -26.16 11.58
N ASN A 287 -1.29 -26.98 10.84
CA ASN A 287 -0.90 -27.38 9.49
C ASN A 287 -1.69 -26.67 8.39
N ASP A 288 -2.58 -25.76 8.76
CA ASP A 288 -3.41 -25.07 7.78
C ASP A 288 -2.72 -23.79 7.31
N PRO A 289 -2.49 -23.62 6.00
CA PRO A 289 -1.78 -22.41 5.53
C PRO A 289 -2.64 -21.16 5.47
N MET A 290 -3.94 -21.25 5.72
CA MET A 290 -4.82 -20.10 5.64
C MET A 290 -5.27 -19.58 7.00
N GLY A 291 -5.77 -20.46 7.87
CA GLY A 291 -6.24 -20.04 9.18
C GLY A 291 -7.73 -19.75 9.20
N MET A 292 -8.16 -18.70 8.48
CA MET A 292 -9.56 -18.33 8.40
C MET A 292 -9.85 -17.80 7.00
N SER A 293 -11.13 -17.84 6.63
CA SER A 293 -11.57 -17.30 5.35
C SER A 293 -13.09 -17.21 5.36
N GLY A 294 -13.60 -16.18 4.68
CA GLY A 294 -15.03 -16.05 4.46
C GLY A 294 -15.80 -15.38 5.58
N GLY A 295 -17.03 -15.86 5.80
CA GLY A 295 -17.90 -15.22 6.77
C GLY A 295 -17.38 -15.34 8.19
N PHE A 296 -16.75 -16.47 8.52
CA PHE A 296 -16.18 -16.64 9.85
C PHE A 296 -15.08 -15.61 10.10
N MET A 297 -14.22 -15.39 9.11
CA MET A 297 -13.18 -14.38 9.22
C MET A 297 -13.77 -12.98 9.31
N SER A 298 -14.84 -12.71 8.54
CA SER A 298 -15.48 -11.40 8.59
C SER A 298 -16.08 -11.13 9.96
N GLN A 299 -16.72 -12.14 10.56
CA GLN A 299 -17.36 -11.96 11.86
C GLN A 299 -16.35 -11.95 13.00
N SER A 300 -15.20 -12.60 12.84
CA SER A 300 -14.26 -12.73 13.95
C SER A 300 -13.20 -11.64 13.96
N ILE A 301 -12.82 -11.09 12.82
CA ILE A 301 -11.68 -10.19 12.71
C ILE A 301 -12.08 -8.84 12.12
N VAL A 302 -12.70 -8.85 10.94
CA VAL A 302 -12.89 -7.62 10.17
C VAL A 302 -13.85 -6.68 10.89
N THR A 303 -15.00 -7.19 11.33
CA THR A 303 -16.01 -6.34 11.94
C THR A 303 -15.55 -5.71 13.26
N PRO A 304 -14.97 -6.44 14.21
CA PRO A 304 -14.59 -5.78 15.48
C PRO A 304 -13.61 -4.64 15.31
N GLU A 305 -12.81 -4.65 14.23
CA GLU A 305 -11.88 -3.55 13.99
C GLU A 305 -12.59 -2.22 13.84
N ILE A 306 -13.87 -2.22 13.44
CA ILE A 306 -14.60 -0.96 13.33
C ILE A 306 -14.86 -0.35 14.69
N ASP A 307 -14.86 -1.16 15.75
CA ASP A 307 -15.03 -0.63 17.10
C ASP A 307 -13.72 -0.15 17.72
N GLY A 308 -12.58 -0.66 17.25
CA GLY A 308 -11.30 -0.25 17.77
C GLY A 308 -10.62 -1.31 18.62
N ALA A 309 -10.90 -2.58 18.34
CA ALA A 309 -10.29 -3.67 19.06
C ALA A 309 -8.85 -3.88 18.62
N ILE A 310 -8.05 -4.49 19.50
CA ILE A 310 -6.64 -4.72 19.26
C ILE A 310 -6.30 -6.16 19.63
N ARG A 311 -5.10 -6.58 19.21
CA ARG A 311 -4.52 -7.89 19.52
C ARG A 311 -5.43 -9.05 19.14
N PRO A 312 -5.59 -9.34 17.84
CA PRO A 312 -6.32 -10.55 17.46
C PRO A 312 -5.52 -11.82 17.73
N PHE A 313 -5.51 -12.26 18.98
CA PHE A 313 -4.68 -13.35 19.44
C PHE A 313 -5.48 -14.64 19.46
N ALA A 314 -4.92 -15.70 18.87
CA ALA A 314 -5.59 -17.00 18.84
C ALA A 314 -5.41 -17.70 20.18
N LEU A 315 -6.52 -18.04 20.83
CA LEU A 315 -6.44 -18.55 22.20
C LEU A 315 -7.16 -19.86 22.42
N PHE A 316 -8.30 -20.08 21.77
CA PHE A 316 -9.18 -21.21 22.08
C PHE A 316 -9.16 -22.23 20.95
N ALA A 317 -9.30 -23.50 21.32
CA ALA A 317 -9.34 -24.60 20.36
C ALA A 317 -10.22 -25.70 20.92
N GLN A 318 -10.15 -26.89 20.31
CA GLN A 318 -10.99 -28.01 20.68
C GLN A 318 -10.14 -29.26 20.92
N TYR A 319 -10.67 -30.17 21.72
CA TYR A 319 -10.03 -31.45 21.98
C TYR A 319 -11.08 -32.54 22.07
N GLU A 320 -10.63 -33.79 22.00
CA GLU A 320 -11.51 -34.94 22.05
C GLU A 320 -11.26 -35.75 23.32
N ASP A 321 -12.33 -36.36 23.83
CA ASP A 321 -12.27 -37.22 24.99
C ASP A 321 -12.28 -38.68 24.55
N LYS A 322 -12.38 -39.59 25.52
CA LYS A 322 -12.39 -41.01 25.21
C LYS A 322 -13.62 -41.40 24.40
N GLU A 323 -14.78 -40.84 24.75
CA GLU A 323 -16.01 -41.18 24.02
C GLU A 323 -15.97 -40.68 22.59
N GLY A 324 -15.41 -39.49 22.36
CA GLY A 324 -15.37 -38.92 21.03
C GLY A 324 -16.16 -37.63 20.91
N LEU A 325 -16.23 -36.87 21.99
CA LEU A 325 -16.95 -35.61 22.03
C LEU A 325 -15.98 -34.44 21.96
N ARG A 326 -16.29 -33.46 21.13
CA ARG A 326 -15.47 -32.27 21.00
C ARG A 326 -15.77 -31.30 22.14
N HIS A 327 -14.72 -30.84 22.81
CA HIS A 327 -14.85 -29.87 23.89
C HIS A 327 -13.94 -28.68 23.63
N SER A 328 -14.46 -27.48 23.88
CA SER A 328 -13.68 -26.27 23.70
C SER A 328 -12.85 -25.97 24.94
N TYR A 329 -11.63 -25.51 24.73
CA TYR A 329 -10.74 -25.17 25.83
C TYR A 329 -9.73 -24.13 25.35
N ALA A 330 -8.88 -23.69 26.28
CA ALA A 330 -7.83 -22.72 26.00
C ALA A 330 -6.48 -23.44 26.03
N VAL A 331 -5.69 -23.23 24.99
CA VAL A 331 -4.38 -23.89 24.90
C VAL A 331 -3.48 -23.34 26.01
N PRO A 332 -2.85 -24.22 26.81
CA PRO A 332 -2.08 -23.72 27.96
C PRO A 332 -0.93 -22.80 27.60
N GLU A 333 -0.28 -23.00 26.45
CA GLU A 333 0.88 -22.19 26.12
C GLU A 333 0.48 -20.77 25.70
N ARG A 334 -0.70 -20.61 25.09
CA ARG A 334 -1.14 -19.29 24.67
C ARG A 334 -1.66 -18.46 25.83
N LEU A 335 -2.19 -19.12 26.87
CA LEU A 335 -2.80 -18.41 27.98
C LEU A 335 -1.77 -17.57 28.74
N LYS A 336 -0.58 -18.13 28.95
CA LYS A 336 0.47 -17.38 29.65
C LYS A 336 0.85 -16.12 28.90
N THR A 337 1.04 -16.24 27.58
CA THR A 337 1.39 -15.08 26.78
C THR A 337 0.28 -14.04 26.81
N PHE A 338 -0.98 -14.49 26.72
CA PHE A 338 -2.10 -13.55 26.74
C PHE A 338 -2.17 -12.79 28.07
N VAL A 339 -2.01 -13.50 29.18
CA VAL A 339 -2.07 -12.84 30.48
C VAL A 339 -0.91 -11.88 30.67
N SER A 340 0.29 -12.28 30.22
CA SER A 340 1.43 -11.38 30.28
C SER A 340 1.21 -10.12 29.46
N THR A 341 0.63 -10.28 28.27
CA THR A 341 0.33 -9.12 27.44
C THR A 341 -0.67 -8.18 28.12
N ILE A 342 -1.70 -8.76 28.75
CA ILE A 342 -2.67 -7.94 29.46
C ILE A 342 -1.99 -7.15 30.57
N ASP A 343 -1.14 -7.82 31.35
CA ASP A 343 -0.42 -7.14 32.42
C ASP A 343 0.46 -6.02 31.89
N ASN A 344 1.19 -6.29 30.79
CA ASN A 344 2.06 -5.28 30.23
C ASN A 344 1.27 -4.07 29.75
N TYR A 345 0.13 -4.29 29.11
CA TYR A 345 -0.68 -3.17 28.65
C TYR A 345 -1.25 -2.38 29.81
N LEU A 346 -1.67 -3.06 30.89
CA LEU A 346 -2.27 -2.34 32.00
C LEU A 346 -1.23 -1.59 32.82
N ASN A 347 0.02 -2.06 32.84
CA ASN A 347 1.04 -1.40 33.66
C ASN A 347 1.51 -0.06 33.09
N LEU A 348 1.18 0.25 31.84
CA LEU A 348 1.61 1.51 31.26
C LEU A 348 0.98 2.72 31.92
N LYS A 349 -0.18 2.55 32.56
CA LYS A 349 -0.90 3.69 33.12
C LYS A 349 -0.32 4.14 34.47
N THR A 350 0.27 3.22 35.24
CA THR A 350 0.72 3.53 36.59
C THR A 350 2.22 3.78 36.69
N LYS A 351 3.01 3.28 35.75
CA LYS A 351 4.45 3.42 35.84
C LYS A 351 4.85 4.86 35.54
N PRO A 352 5.75 5.47 36.33
CA PRO A 352 6.17 6.84 36.05
C PRO A 352 6.91 6.95 34.73
N ASN A 353 6.78 8.12 34.09
CA ASN A 353 7.42 8.33 32.80
C ASN A 353 8.94 8.28 32.89
N PHE A 354 9.51 8.58 34.06
CA PHE A 354 10.95 8.64 34.20
C PHE A 354 11.62 7.27 34.20
N GLU A 355 10.84 6.19 34.21
CA GLU A 355 11.37 4.84 34.28
C GLU A 355 11.02 3.95 33.10
N LYS A 356 10.16 4.39 32.20
CA LYS A 356 9.79 3.58 31.04
C LYS A 356 10.95 3.51 30.06
N LYS A 357 11.00 2.39 29.32
CA LYS A 357 12.01 2.16 28.30
C LYS A 357 11.32 1.92 26.97
N VAL A 358 11.79 2.59 25.92
CA VAL A 358 11.12 2.60 24.62
C VAL A 358 12.14 2.25 23.54
N ALA A 359 11.72 1.40 22.60
CA ALA A 359 12.53 1.04 21.45
C ALA A 359 11.87 1.55 20.17
N ILE A 360 12.67 2.14 19.29
CA ILE A 360 12.18 2.71 18.04
C ILE A 360 12.96 2.10 16.89
N TYR A 361 12.25 1.72 15.82
CA TYR A 361 12.85 1.10 14.66
C TYR A 361 12.64 1.98 13.43
N TYR A 362 13.74 2.28 12.73
CA TYR A 362 13.69 3.03 11.49
C TYR A 362 14.33 2.23 10.36
N TYR A 363 14.10 2.69 9.14
CA TYR A 363 14.59 2.02 7.94
C TYR A 363 15.59 2.93 7.23
N LYS A 364 16.75 2.36 6.87
CA LYS A 364 17.82 3.14 6.26
C LYS A 364 18.40 2.35 5.09
N GLY A 365 18.92 3.07 4.10
CA GLY A 365 19.53 2.47 2.94
C GLY A 365 20.95 2.00 3.20
N PRO A 366 21.46 1.13 2.35
CA PRO A 366 22.82 0.61 2.54
C PRO A 366 23.87 1.68 2.31
N GLY A 367 25.00 1.53 3.00
CA GLY A 367 26.12 2.43 2.84
C GLY A 367 25.90 3.80 3.44
N GLN A 368 25.78 4.82 2.58
CA GLN A 368 25.59 6.19 3.03
C GLN A 368 24.28 6.78 2.52
N ASN A 369 23.30 5.95 2.22
CA ASN A 369 22.01 6.44 1.76
C ASN A 369 21.19 6.96 2.94
N ALA A 370 20.11 7.66 2.62
CA ALA A 370 19.34 8.37 3.61
C ALA A 370 18.22 7.50 4.18
N LEU A 371 17.57 8.01 5.22
CA LEU A 371 16.40 7.36 5.82
C LEU A 371 15.16 7.71 5.01
N THR A 372 14.28 6.73 4.84
CA THR A 372 13.14 6.89 3.95
C THR A 372 11.86 6.43 4.63
N ALA A 373 10.79 7.17 4.36
CA ALA A 373 9.43 6.81 4.74
C ALA A 373 8.50 7.46 3.74
N ALA A 374 7.27 6.94 3.66
CA ALA A 374 6.35 7.39 2.62
C ALA A 374 5.93 8.84 2.84
N GLY A 375 6.51 9.75 2.05
CA GLY A 375 6.14 11.15 2.10
C GLY A 375 6.42 11.86 3.41
N MET A 376 7.56 11.59 4.03
CA MET A 376 7.91 12.20 5.31
C MET A 376 9.40 12.47 5.38
N GLU A 377 9.76 13.60 6.00
CA GLU A 377 11.15 13.92 6.31
C GLU A 377 11.48 13.30 7.66
N VAL A 378 12.41 12.35 7.66
CA VAL A 378 12.52 11.42 8.80
C VAL A 378 13.29 12.06 9.96
N VAL A 379 14.47 12.61 9.68
CA VAL A 379 15.34 13.07 10.77
C VAL A 379 14.72 14.22 11.57
N PRO A 380 14.18 15.28 10.95
CA PRO A 380 13.52 16.31 11.75
C PRO A 380 12.33 15.78 12.54
N SER A 381 11.58 14.83 11.98
CA SER A 381 10.47 14.24 12.71
C SER A 381 10.95 13.49 13.94
N LEU A 382 12.04 12.73 13.80
CA LEU A 382 12.62 12.04 14.95
C LEU A 382 13.08 13.03 16.00
N TYR A 383 13.73 14.12 15.58
CA TYR A 383 14.19 15.11 16.54
C TYR A 383 13.02 15.75 17.29
N ASN A 384 11.94 16.09 16.58
CA ASN A 384 10.78 16.68 17.22
C ASN A 384 10.13 15.70 18.19
N LEU A 385 10.05 14.42 17.80
CA LEU A 385 9.48 13.43 18.71
C LEU A 385 10.31 13.29 19.98
N LEU A 386 11.63 13.27 19.83
CA LEU A 386 12.49 13.18 21.02
C LEU A 386 12.35 14.41 21.92
N LEU A 387 12.24 15.59 21.31
CA LEU A 387 12.01 16.79 22.11
C LEU A 387 10.68 16.72 22.87
N ARG A 388 9.63 16.25 22.19
CA ARG A 388 8.34 16.13 22.86
C ARG A 388 8.41 15.13 24.01
N MET A 389 9.08 14.00 23.80
CA MET A 389 9.22 13.01 24.87
C MET A 389 10.00 13.58 26.05
N LYS A 390 11.05 14.34 25.77
CA LYS A 390 11.82 14.96 26.84
C LYS A 390 10.97 15.96 27.61
N GLN A 391 10.14 16.73 26.91
CA GLN A 391 9.25 17.66 27.59
C GLN A 391 8.23 16.94 28.46
N GLU A 392 7.73 15.79 27.99
CA GLU A 392 6.71 15.06 28.75
C GLU A 392 7.23 14.49 30.06
N GLY A 393 8.55 14.32 30.21
CA GLY A 393 9.13 13.83 31.44
C GLY A 393 9.92 12.56 31.34
N TYR A 394 10.13 12.01 30.14
CA TYR A 394 10.92 10.80 30.00
C TYR A 394 12.40 11.09 30.25
N ASN A 395 13.14 10.03 30.55
CA ASN A 395 14.56 10.15 30.87
C ASN A 395 15.35 10.09 29.56
N ILE A 396 15.58 11.26 28.98
CA ILE A 396 16.34 11.40 27.74
C ILE A 396 17.52 12.32 28.03
N SER A 397 18.72 11.83 27.76
CA SER A 397 19.94 12.58 28.03
C SER A 397 20.93 12.37 26.88
N GLY A 398 21.78 13.37 26.67
CA GLY A 398 22.73 13.32 25.58
C GLY A 398 22.20 13.73 24.24
N LEU A 399 21.03 14.36 24.20
CA LEU A 399 20.45 14.76 22.92
C LEU A 399 21.28 15.90 22.31
N PRO A 400 21.53 15.86 21.00
CA PRO A 400 22.34 16.91 20.38
C PRO A 400 21.60 18.23 20.24
N ALA A 401 22.24 19.21 19.60
CA ALA A 401 21.68 20.56 19.53
C ALA A 401 20.55 20.67 18.53
N ASN A 402 20.75 20.14 17.32
CA ASN A 402 19.76 20.26 16.26
C ASN A 402 19.71 18.95 15.48
N ALA A 403 18.89 18.93 14.42
CA ALA A 403 18.63 17.70 13.69
C ALA A 403 19.80 17.30 12.81
N GLN A 404 20.61 18.28 12.36
CA GLN A 404 21.79 17.96 11.58
C GLN A 404 22.78 17.14 12.38
N GLU A 405 23.00 17.52 13.64
CA GLU A 405 23.87 16.73 14.51
C GLU A 405 23.31 15.32 14.71
N LEU A 406 22.00 15.20 14.84
CA LEU A 406 21.38 13.89 14.98
C LEU A 406 21.59 13.04 13.74
N GLY A 407 21.48 13.65 12.55
CA GLY A 407 21.75 12.91 11.33
C GLY A 407 23.19 12.45 11.24
N LYS A 408 24.13 13.32 11.64
CA LYS A 408 25.54 12.93 11.65
C LYS A 408 25.78 11.77 12.61
N MET A 409 25.18 11.83 13.81
CA MET A 409 25.35 10.75 14.76
C MET A 409 24.75 9.45 14.25
N ILE A 410 23.58 9.53 13.60
CA ILE A 410 22.95 8.33 13.05
C ILE A 410 23.83 7.71 11.97
N GLN A 411 24.41 8.55 11.11
CA GLN A 411 25.33 8.04 10.10
C GLN A 411 26.55 7.40 10.73
N ALA A 412 27.06 8.00 11.81
CA ALA A 412 28.27 7.47 12.43
C ALA A 412 28.03 6.16 13.15
N GLN A 413 26.87 6.01 13.80
CA GLN A 413 26.65 4.87 14.70
C GLN A 413 25.42 4.04 14.36
N GLY A 414 24.77 4.28 13.22
CA GLY A 414 23.55 3.55 12.91
C GLY A 414 23.44 3.08 11.48
N ALA A 415 24.55 2.73 10.85
CA ALA A 415 24.56 2.37 9.45
C ALA A 415 24.35 0.87 9.26
N VAL A 416 23.97 0.50 8.03
CA VAL A 416 23.82 -0.90 7.63
C VAL A 416 24.62 -1.10 6.34
N PHE A 417 25.02 -2.35 6.11
CA PHE A 417 25.90 -2.67 5.00
C PHE A 417 25.44 -3.95 4.32
N ASN A 418 25.86 -4.12 3.07
CA ASN A 418 25.57 -5.32 2.30
C ASN A 418 26.60 -6.40 2.61
N ALA A 419 26.40 -7.57 2.00
CA ALA A 419 27.26 -8.71 2.31
C ALA A 419 28.64 -8.59 1.68
N TYR A 420 28.75 -7.93 0.53
CA TYR A 420 30.00 -7.87 -0.20
C TYR A 420 30.94 -6.77 0.28
N ALA A 421 30.47 -5.86 1.14
CA ALA A 421 31.29 -4.74 1.61
C ALA A 421 31.93 -5.10 2.95
N GLU A 422 32.87 -6.05 2.88
CA GLU A 422 33.52 -6.53 4.10
C GLU A 422 34.33 -5.41 4.77
N GLY A 423 35.06 -4.62 3.99
CA GLY A 423 35.85 -3.56 4.57
C GLY A 423 35.02 -2.55 5.33
N ALA A 424 33.83 -2.24 4.83
CA ALA A 424 33.00 -1.22 5.45
C ALA A 424 32.60 -1.61 6.87
N PHE A 425 32.01 -2.80 7.05
CA PHE A 425 31.61 -3.17 8.40
C PHE A 425 32.77 -3.63 9.25
N ASN A 426 33.87 -4.10 8.65
CA ASN A 426 35.07 -4.32 9.46
C ASN A 426 35.58 -3.02 10.06
N ASP A 427 35.53 -1.93 9.28
CA ASP A 427 35.87 -0.61 9.82
C ASP A 427 34.85 -0.19 10.87
N PHE A 428 33.56 -0.45 10.62
CA PHE A 428 32.53 -0.04 11.56
C PHE A 428 32.67 -0.75 12.91
N MET A 429 33.16 -1.99 12.91
CA MET A 429 33.30 -2.74 14.15
C MET A 429 34.27 -2.07 15.12
N GLN A 430 35.26 -1.34 14.61
CA GLN A 430 36.25 -0.69 15.46
C GLN A 430 35.99 0.80 15.65
N ASN A 431 34.88 1.32 15.12
CA ASN A 431 34.59 2.75 15.25
C ASN A 431 33.17 3.07 15.70
N GLY A 432 32.20 2.19 15.49
CA GLY A 432 30.82 2.50 15.84
C GLY A 432 30.40 2.18 17.25
N HIS A 433 31.22 1.43 18.00
CA HIS A 433 30.92 1.00 19.35
C HIS A 433 29.57 0.29 19.42
N PRO A 434 29.43 -0.88 18.78
CA PRO A 434 28.15 -1.58 18.80
C PRO A 434 27.97 -2.38 20.09
N GLU A 435 26.78 -2.94 20.25
CA GLU A 435 26.46 -3.82 21.36
C GLU A 435 26.94 -5.23 21.02
N LEU A 436 27.63 -5.87 21.96
CA LEU A 436 28.24 -7.17 21.75
C LEU A 436 27.42 -8.24 22.45
N ILE A 437 27.08 -9.30 21.72
CA ILE A 437 26.26 -10.40 22.21
C ILE A 437 27.10 -11.66 22.23
N THR A 438 27.08 -12.37 23.36
CA THR A 438 27.81 -13.62 23.52
C THR A 438 26.91 -14.81 23.21
N LYS A 439 27.51 -15.99 23.18
CA LYS A 439 26.78 -17.19 22.77
C LYS A 439 25.79 -17.63 23.85
N GLU A 440 26.15 -17.49 25.12
CA GLU A 440 25.29 -17.96 26.20
C GLU A 440 23.97 -17.19 26.23
N GLN A 441 24.03 -15.86 26.11
CA GLN A 441 22.82 -15.06 26.11
C GLN A 441 21.92 -15.42 24.94
N TYR A 442 22.51 -15.58 23.76
CA TYR A 442 21.73 -15.92 22.57
C TYR A 442 21.07 -17.28 22.72
N GLU A 443 21.79 -18.27 23.25
CA GLU A 443 21.22 -19.59 23.42
C GLU A 443 20.11 -19.58 24.45
N SER A 444 20.28 -18.85 25.55
CA SER A 444 19.22 -18.77 26.55
C SER A 444 17.97 -18.10 25.98
N TRP A 445 18.16 -17.01 25.23
CA TRP A 445 17.02 -16.33 24.62
C TRP A 445 16.31 -17.22 23.62
N VAL A 446 17.07 -17.97 22.81
CA VAL A 446 16.46 -18.87 21.83
C VAL A 446 15.69 -19.98 22.53
N LYS A 447 16.26 -20.54 23.59
CA LYS A 447 15.56 -21.60 24.33
C LYS A 447 14.27 -21.06 24.96
N GLU A 448 14.30 -19.80 25.41
CA GLU A 448 13.12 -19.24 26.05
C GLU A 448 12.04 -18.84 25.05
N SER A 449 12.42 -18.41 23.85
CA SER A 449 11.47 -17.79 22.93
C SER A 449 11.01 -18.70 21.80
N LEU A 450 11.94 -19.34 21.09
CA LEU A 450 11.61 -20.04 19.86
C LEU A 450 11.37 -21.52 20.12
N ARG A 451 11.07 -22.26 19.03
CA ARG A 451 10.92 -23.70 19.02
C ARG A 451 12.11 -24.36 18.35
N PRO A 452 12.47 -25.58 18.75
CA PRO A 452 13.69 -26.20 18.22
C PRO A 452 13.72 -26.36 16.70
N GLU A 453 12.59 -26.67 16.08
CA GLU A 453 12.60 -26.97 14.65
C GLU A 453 12.88 -25.73 13.81
N LYS A 454 12.29 -24.59 14.16
CA LYS A 454 12.53 -23.37 13.41
C LYS A 454 13.97 -22.90 13.56
N TYR A 455 14.53 -22.99 14.77
CA TYR A 455 15.94 -22.66 14.94
C TYR A 455 16.83 -23.64 14.19
N GLN A 456 16.43 -24.91 14.10
CA GLN A 456 17.19 -25.85 13.30
C GLN A 456 17.16 -25.47 11.81
N GLU A 457 16.02 -24.99 11.34
CA GLU A 457 15.94 -24.48 9.97
C GLU A 457 16.89 -23.28 9.78
N VAL A 458 16.91 -22.38 10.76
CA VAL A 458 17.81 -21.23 10.68
C VAL A 458 19.27 -21.69 10.63
N VAL A 459 19.62 -22.68 11.46
CA VAL A 459 20.99 -23.20 11.47
C VAL A 459 21.33 -23.84 10.14
N ASP A 460 20.40 -24.60 9.56
CA ASP A 460 20.63 -25.21 8.26
C ASP A 460 20.84 -24.14 7.18
N ALA A 461 20.10 -23.04 7.26
CA ALA A 461 20.22 -22.02 6.24
C ALA A 461 21.50 -21.21 6.37
N PHE A 462 21.89 -20.86 7.59
CA PHE A 462 22.99 -19.92 7.79
C PHE A 462 24.16 -20.46 8.62
N GLY A 463 24.05 -21.64 9.20
CA GLY A 463 25.12 -22.16 10.03
C GLY A 463 24.97 -21.76 11.49
N GLU A 464 25.96 -22.18 12.27
CA GLU A 464 25.92 -21.95 13.71
C GLU A 464 26.20 -20.48 14.04
N PHE A 465 25.86 -20.12 15.28
CA PHE A 465 26.12 -18.79 15.79
C PHE A 465 27.62 -18.52 15.80
N PRO A 466 28.07 -17.30 15.50
CA PRO A 466 27.31 -16.09 15.16
C PRO A 466 27.08 -15.87 13.67
N GLY A 467 27.68 -16.67 12.79
CA GLY A 467 27.54 -16.45 11.37
C GLY A 467 28.75 -15.80 10.75
N ASN A 468 28.54 -14.92 9.77
CA ASN A 468 29.63 -14.29 9.04
C ASN A 468 29.52 -12.79 8.90
N TYR A 469 28.44 -12.17 9.36
CA TYR A 469 28.19 -10.74 9.18
C TYR A 469 28.41 -10.01 10.49
N MET A 470 29.44 -9.16 10.53
CA MET A 470 29.74 -8.31 11.69
C MET A 470 29.96 -9.15 12.97
N VAL A 471 31.01 -9.95 12.94
CA VAL A 471 31.37 -10.81 14.07
C VAL A 471 32.78 -10.46 14.51
N THR A 472 32.98 -10.42 15.83
CA THR A 472 34.30 -10.18 16.39
C THR A 472 35.16 -11.44 16.29
N PRO A 473 36.48 -11.29 16.33
CA PRO A 473 37.34 -12.49 16.37
C PRO A 473 37.09 -13.36 17.59
N ASP A 474 36.60 -12.78 18.69
CA ASP A 474 36.33 -13.57 19.89
C ASP A 474 35.17 -14.53 19.69
N GLY A 475 34.23 -14.18 18.82
CA GLY A 475 33.06 -15.02 18.59
C GLY A 475 31.77 -14.40 19.11
N LYS A 476 31.69 -13.08 19.06
CA LYS A 476 30.52 -12.34 19.49
C LYS A 476 29.82 -11.73 18.29
N LEU A 477 28.61 -11.22 18.52
CA LEU A 477 27.81 -10.60 17.48
C LEU A 477 27.63 -9.12 17.77
N GLY A 478 27.66 -8.30 16.72
CA GLY A 478 27.56 -6.85 16.86
C GLY A 478 26.19 -6.35 16.40
N ILE A 479 25.61 -5.49 17.22
CA ILE A 479 24.32 -4.87 16.95
C ILE A 479 24.49 -3.36 17.00
N ALA A 480 24.05 -2.68 15.94
CA ALA A 480 24.16 -1.23 15.87
C ALA A 480 22.92 -0.58 16.47
N ARG A 481 23.13 0.31 17.44
CA ARG A 481 22.02 1.02 18.08
C ARG A 481 22.53 2.36 18.59
N LEU A 482 21.59 3.27 18.83
CA LEU A 482 21.90 4.59 19.36
C LEU A 482 20.97 4.85 20.55
N GLN A 483 21.56 5.02 21.74
CA GLN A 483 20.80 5.08 22.97
C GLN A 483 20.92 6.45 23.63
N PHE A 484 19.78 7.03 23.98
CA PHE A 484 19.71 8.25 24.78
C PHE A 484 18.90 7.94 26.03
N GLY A 485 19.59 7.82 27.17
CA GLY A 485 18.91 7.54 28.42
C GLY A 485 18.12 6.25 28.41
N ASN A 486 16.80 6.35 28.42
CA ASN A 486 15.91 5.19 28.41
C ASN A 486 15.23 5.00 27.06
N VAL A 487 15.76 5.58 26.00
CA VAL A 487 15.20 5.43 24.66
C VAL A 487 16.29 4.89 23.75
N VAL A 488 15.94 3.94 22.88
CA VAL A 488 16.92 3.36 21.96
C VAL A 488 16.37 3.43 20.54
N LEU A 489 17.26 3.72 19.59
CA LEU A 489 16.95 3.77 18.17
C LEU A 489 17.75 2.69 17.45
N LEU A 490 17.07 1.92 16.61
CA LEU A 490 17.73 0.84 15.88
C LEU A 490 17.29 0.85 14.41
N PRO A 491 18.19 0.47 13.51
CA PRO A 491 17.80 0.22 12.13
C PRO A 491 17.35 -1.22 11.93
N GLN A 492 16.60 -1.42 10.86
CA GLN A 492 16.09 -2.74 10.50
C GLN A 492 17.00 -3.37 9.46
N ASN A 493 17.44 -4.60 9.72
CA ASN A 493 18.36 -5.30 8.84
C ASN A 493 17.59 -6.02 7.73
N ALA A 494 18.28 -6.86 6.98
CA ALA A 494 17.67 -7.60 5.89
C ALA A 494 17.02 -8.87 6.40
N ALA A 495 15.82 -9.16 5.91
CA ALA A 495 15.06 -10.32 6.34
C ALA A 495 15.37 -11.57 5.52
N GLY A 496 16.22 -11.47 4.51
CA GLY A 496 16.57 -12.61 3.68
C GLY A 496 18.05 -12.78 3.51
N SER A 497 18.46 -13.54 2.50
CA SER A 497 19.86 -13.80 2.22
C SER A 497 20.19 -13.35 0.80
N GLY A 498 21.37 -12.75 0.64
CA GLY A 498 21.84 -12.33 -0.67
C GLY A 498 22.50 -13.47 -1.43
N ASP A 499 21.75 -14.54 -1.67
CA ASP A 499 22.30 -15.71 -2.36
C ASP A 499 22.52 -15.45 -3.84
N ASN A 500 21.92 -14.38 -4.37
CA ASN A 500 21.98 -14.04 -5.79
C ASN A 500 21.39 -15.11 -6.69
N SER A 501 20.55 -15.99 -6.14
CA SER A 501 19.78 -16.93 -6.94
C SER A 501 18.35 -16.40 -7.05
N PHE A 502 17.96 -16.01 -8.26
CA PHE A 502 16.72 -15.28 -8.45
C PHE A 502 15.50 -16.17 -8.64
N GLN A 503 15.69 -17.48 -8.78
CA GLN A 503 14.57 -18.41 -8.93
C GLN A 503 14.25 -19.04 -7.58
N VAL A 504 12.98 -18.99 -7.20
CA VAL A 504 12.54 -19.54 -5.93
C VAL A 504 12.43 -21.05 -6.03
N VAL A 505 12.89 -21.75 -5.00
CA VAL A 505 12.80 -23.20 -4.93
C VAL A 505 11.47 -23.56 -4.26
N HIS A 506 10.71 -24.46 -4.89
CA HIS A 506 9.39 -24.80 -4.41
C HIS A 506 9.48 -25.83 -3.29
N GLY A 507 8.82 -25.53 -2.17
CA GLY A 507 8.76 -26.44 -1.03
C GLY A 507 9.57 -26.00 0.17
N THR A 508 10.30 -24.89 0.09
CA THR A 508 11.13 -24.42 1.21
C THR A 508 10.82 -22.96 1.49
N ASP A 509 10.75 -22.62 2.77
CA ASP A 509 10.56 -21.23 3.20
C ASP A 509 11.90 -20.56 3.45
N MET A 510 11.84 -19.26 3.70
CA MET A 510 13.03 -18.46 3.99
C MET A 510 13.05 -18.11 5.46
N ALA A 511 14.16 -18.42 6.14
CA ALA A 511 14.30 -18.02 7.52
C ALA A 511 15.18 -16.78 7.64
N PRO A 512 14.87 -15.89 8.58
CA PRO A 512 15.70 -14.69 8.72
C PRO A 512 17.07 -15.04 9.26
N PRO A 513 18.09 -14.23 8.98
CA PRO A 513 19.44 -14.53 9.47
C PRO A 513 19.59 -14.31 10.96
N HIS A 514 20.81 -14.52 11.48
CA HIS A 514 21.04 -14.44 12.91
C HIS A 514 20.88 -13.00 13.43
N THR A 515 21.24 -12.00 12.62
CA THR A 515 21.22 -10.63 13.10
C THR A 515 19.80 -10.14 13.38
N TYR A 516 18.85 -10.48 12.51
CA TYR A 516 17.45 -10.10 12.71
C TYR A 516 16.92 -10.64 14.03
N ILE A 517 17.09 -11.95 14.25
CA ILE A 517 16.60 -12.59 15.47
C ILE A 517 17.32 -12.03 16.69
N ALA A 518 18.64 -11.82 16.57
CA ALA A 518 19.40 -11.31 17.70
C ALA A 518 18.93 -9.92 18.10
N SER A 519 18.67 -9.06 17.11
CA SER A 519 18.19 -7.72 17.41
C SER A 519 16.85 -7.74 18.13
N TYR A 520 15.90 -8.52 17.59
CA TYR A 520 14.57 -8.53 18.22
C TYR A 520 14.61 -9.18 19.60
N LEU A 521 15.40 -10.24 19.77
CA LEU A 521 15.49 -10.88 21.07
C LEU A 521 16.23 -10.02 22.09
N TRP A 522 17.23 -9.25 21.65
CA TRP A 522 17.87 -8.30 22.56
C TRP A 522 16.90 -7.21 22.98
N MET A 523 16.04 -6.77 22.06
CA MET A 523 15.00 -5.81 22.43
C MET A 523 14.07 -6.40 23.48
N GLN A 524 13.68 -7.67 23.31
CA GLN A 524 12.74 -8.28 24.24
C GLN A 524 13.36 -8.53 25.61
N HIS A 525 14.55 -9.14 25.65
CA HIS A 525 15.12 -9.67 26.89
C HIS A 525 16.32 -8.90 27.40
N GLY A 526 17.12 -8.30 26.52
CA GLY A 526 18.32 -7.61 26.98
C GLY A 526 18.03 -6.18 27.39
N PHE A 527 17.41 -5.41 26.50
CA PHE A 527 17.03 -4.04 26.82
C PHE A 527 15.79 -4.00 27.71
N LYS A 528 14.93 -5.01 27.63
CA LYS A 528 13.70 -5.10 28.42
C LYS A 528 12.80 -3.89 28.17
N ALA A 529 12.37 -3.75 26.93
CA ALA A 529 11.57 -2.61 26.53
C ALA A 529 10.16 -2.71 27.08
N ASP A 530 9.56 -1.54 27.33
CA ASP A 530 8.15 -1.46 27.70
C ASP A 530 7.25 -1.10 26.53
N ALA A 531 7.81 -0.61 25.43
CA ALA A 531 7.03 -0.23 24.27
C ALA A 531 7.91 -0.30 23.03
N LEU A 532 7.32 -0.76 21.92
CA LEU A 532 8.00 -0.89 20.64
C LEU A 532 7.29 -0.01 19.62
N ILE A 533 8.07 0.75 18.85
CA ILE A 533 7.52 1.67 17.86
C ILE A 533 8.21 1.42 16.53
N HIS A 534 7.42 1.35 15.46
CA HIS A 534 7.93 1.34 14.09
C HIS A 534 7.65 2.69 13.46
N PHE A 535 8.69 3.32 12.91
CA PHE A 535 8.64 4.71 12.47
C PHE A 535 8.60 4.76 10.95
N GLY A 536 7.40 4.86 10.39
CA GLY A 536 7.21 5.10 8.98
C GLY A 536 6.57 3.92 8.27
N THR A 537 6.35 4.13 6.97
CA THR A 537 5.74 3.13 6.09
C THR A 537 6.74 2.76 5.00
N HIS A 538 7.14 1.50 4.96
CA HIS A 538 6.77 0.41 5.85
C HIS A 538 7.95 -0.54 6.03
N GLY A 539 7.89 -1.36 7.07
CA GLY A 539 8.95 -2.31 7.37
C GLY A 539 8.80 -3.61 6.63
N SER A 540 9.40 -4.66 7.20
CA SER A 540 9.37 -5.99 6.59
C SER A 540 9.09 -7.10 7.60
N LEU A 541 8.79 -6.76 8.85
CA LEU A 541 8.54 -7.77 9.86
C LEU A 541 7.25 -8.54 9.58
N GLU A 542 6.21 -7.85 9.13
CA GLU A 542 4.90 -8.46 8.96
C GLU A 542 4.75 -9.22 7.65
N PHE A 543 5.82 -9.36 6.87
CA PHE A 543 5.78 -10.13 5.63
C PHE A 543 6.61 -11.41 5.71
N THR A 544 7.02 -11.81 6.90
CA THR A 544 7.75 -13.05 7.09
C THR A 544 6.79 -14.24 7.13
N PRO A 545 7.28 -15.46 6.88
CA PRO A 545 6.39 -16.63 6.86
C PRO A 545 5.75 -16.89 8.21
N ARG A 546 4.72 -17.73 8.22
CA ARG A 546 4.07 -18.41 7.10
C ARG A 546 2.58 -18.11 6.93
N LYS A 547 1.83 -18.30 8.01
CA LYS A 547 0.37 -18.32 7.92
C LYS A 547 -0.20 -16.92 7.68
N GLN A 548 -1.39 -16.87 7.08
CA GLN A 548 -1.99 -15.58 6.74
C GLN A 548 -2.55 -14.89 7.98
N VAL A 549 -3.53 -15.51 8.64
CA VAL A 549 -4.14 -14.97 9.84
C VAL A 549 -4.22 -16.07 10.89
N ALA A 550 -4.51 -15.66 12.13
CA ALA A 550 -4.57 -16.57 13.27
C ALA A 550 -3.28 -17.36 13.41
N LEU A 551 -2.20 -16.64 13.65
CA LEU A 551 -0.88 -17.23 13.67
C LEU A 551 -0.69 -18.14 14.88
N CYS A 552 0.21 -19.10 14.74
CA CYS A 552 0.57 -20.04 15.79
C CYS A 552 2.00 -19.78 16.24
N SER A 553 2.51 -20.66 17.10
CA SER A 553 3.84 -20.50 17.66
C SER A 553 4.95 -20.81 16.66
N ASN A 554 4.61 -21.23 15.45
CA ASN A 554 5.60 -21.49 14.41
C ASN A 554 5.81 -20.31 13.47
N ASP A 555 5.13 -19.19 13.71
CA ASP A 555 5.17 -18.06 12.80
C ASP A 555 6.10 -16.98 13.34
N TRP A 556 6.94 -16.44 12.46
CA TRP A 556 8.00 -15.53 12.89
C TRP A 556 7.49 -14.23 13.49
N PRO A 557 6.52 -13.51 12.89
CA PRO A 557 6.08 -12.25 13.53
C PRO A 557 5.55 -12.44 14.93
N ASP A 558 4.79 -13.52 15.16
CA ASP A 558 4.25 -13.78 16.49
C ASP A 558 5.35 -13.98 17.52
N ARG A 559 6.40 -14.72 17.16
CA ARG A 559 7.47 -14.99 18.10
C ARG A 559 8.34 -13.77 18.32
N LEU A 560 8.59 -13.00 17.25
CA LEU A 560 9.50 -11.87 17.36
C LEU A 560 8.86 -10.67 18.07
N VAL A 561 7.55 -10.47 17.91
CA VAL A 561 6.91 -9.36 18.62
C VAL A 561 6.85 -9.65 20.12
N GLY A 562 6.46 -10.87 20.48
CA GLY A 562 6.41 -11.25 21.88
C GLY A 562 5.16 -10.76 22.58
N ALA A 563 5.32 -10.25 23.81
CA ALA A 563 4.22 -9.74 24.61
C ALA A 563 4.45 -8.27 24.98
N VAL A 564 4.91 -7.48 24.01
CA VAL A 564 5.25 -6.08 24.23
C VAL A 564 4.25 -5.20 23.49
N PRO A 565 3.79 -4.10 24.09
CA PRO A 565 2.93 -3.17 23.34
C PRO A 565 3.64 -2.64 22.10
N HIS A 566 2.88 -2.54 21.02
CA HIS A 566 3.43 -2.33 19.68
C HIS A 566 2.65 -1.24 18.96
N TYR A 567 3.35 -0.18 18.54
CA TYR A 567 2.75 0.94 17.84
C TYR A 567 3.47 1.16 16.53
N TYR A 568 2.73 1.63 15.53
CA TYR A 568 3.20 1.69 14.16
C TYR A 568 2.72 2.98 13.53
N LEU A 569 3.64 3.82 13.06
CA LEU A 569 3.27 5.06 12.39
C LEU A 569 3.02 4.77 10.91
N TYR A 570 1.85 5.14 10.42
CA TYR A 570 1.44 4.80 9.07
C TYR A 570 0.81 6.00 8.39
N SER A 571 0.89 6.01 7.05
CA SER A 571 0.34 7.07 6.23
C SER A 571 -1.09 6.74 5.83
N ILE A 572 -1.91 7.79 5.67
CA ILE A 572 -3.31 7.59 5.33
C ILE A 572 -3.53 7.20 3.88
N GLY A 573 -2.53 7.33 3.03
CA GLY A 573 -2.66 6.98 1.63
C GLY A 573 -2.31 5.55 1.27
N ASN A 574 -2.06 4.69 2.24
CA ASN A 574 -1.65 3.30 2.00
C ASN A 574 -2.43 2.35 2.90
N VAL A 575 -3.76 2.52 2.93
CA VAL A 575 -4.61 1.76 3.83
C VAL A 575 -4.52 0.26 3.56
N GLY A 576 -4.23 -0.13 2.31
CA GLY A 576 -4.28 -1.54 1.97
C GLY A 576 -3.27 -2.38 2.71
N GLU A 577 -2.06 -1.86 2.89
CA GLU A 577 -0.98 -2.63 3.49
C GLU A 577 -0.90 -2.53 5.01
N GLY A 578 -1.71 -1.66 5.63
CA GLY A 578 -1.73 -1.60 7.08
C GLY A 578 -2.47 -2.75 7.73
N MET A 579 -3.36 -3.41 6.98
CA MET A 579 -4.07 -4.56 7.54
C MET A 579 -3.13 -5.70 7.87
N MET A 580 -2.07 -5.88 7.06
CA MET A 580 -1.08 -6.91 7.36
C MET A 580 -0.40 -6.64 8.70
N ALA A 581 -0.02 -5.38 8.95
CA ALA A 581 0.59 -5.02 10.22
C ALA A 581 -0.39 -5.21 11.38
N LYS A 582 -1.66 -4.86 11.16
CA LYS A 582 -2.65 -5.01 12.23
C LYS A 582 -2.90 -6.48 12.56
N ARG A 583 -2.97 -7.34 11.56
CA ARG A 583 -3.43 -8.71 11.75
C ARG A 583 -2.31 -9.73 11.92
N ARG A 584 -1.07 -9.39 11.58
CA ARG A 584 0.03 -10.33 11.68
C ARG A 584 1.08 -9.96 12.70
N SER A 585 1.14 -8.70 13.13
CA SER A 585 2.10 -8.26 14.14
C SER A 585 1.44 -7.60 15.34
N TYR A 586 0.10 -7.56 15.40
CA TYR A 586 -0.63 -7.06 16.56
C TYR A 586 -0.27 -5.61 16.88
N ALA A 587 -0.11 -4.80 15.83
CA ALA A 587 0.29 -3.42 15.97
C ALA A 587 -0.92 -2.50 16.09
N THR A 588 -0.70 -1.36 16.72
CA THR A 588 -1.70 -0.29 16.78
C THR A 588 -1.24 0.85 15.87
N LEU A 589 -2.08 1.24 14.93
CA LEU A 589 -1.71 2.19 13.90
C LEU A 589 -1.97 3.62 14.34
N GLN A 590 -1.05 4.52 13.99
CA GLN A 590 -1.20 5.96 14.20
C GLN A 590 -1.01 6.66 12.87
N SER A 591 -2.00 7.41 12.44
CA SER A 591 -2.01 8.00 11.10
C SER A 591 -1.27 9.33 11.07
N TYR A 592 -0.54 9.56 9.98
CA TYR A 592 0.06 10.87 9.73
C TYR A 592 -0.30 11.33 8.32
N LEU A 593 -0.06 12.61 8.07
CA LEU A 593 -0.56 13.30 6.89
C LEU A 593 0.23 12.95 5.63
N THR A 594 -0.10 13.64 4.55
CA THR A 594 0.53 13.53 3.24
C THR A 594 1.09 14.88 2.83
N PRO A 595 2.01 14.93 1.87
CA PRO A 595 2.55 16.20 1.44
C PRO A 595 1.47 17.05 0.80
N PRO A 596 1.62 18.38 0.86
CA PRO A 596 0.60 19.27 0.29
C PRO A 596 0.59 19.22 -1.23
N PHE A 597 -0.45 19.82 -1.82
CA PHE A 597 -0.65 19.83 -3.25
C PHE A 597 -0.59 21.24 -3.79
N LEU A 598 -0.26 21.36 -5.08
CA LEU A 598 -0.20 22.64 -5.76
C LEU A 598 -0.39 22.39 -7.26
N GLU A 599 -0.46 23.48 -8.02
CA GLU A 599 -0.64 23.42 -9.46
C GLU A 599 0.71 23.30 -10.17
N SER A 600 0.67 22.75 -11.38
CA SER A 600 1.90 22.54 -12.14
C SER A 600 2.45 23.84 -12.70
N SER A 601 1.59 24.81 -12.99
CA SER A 601 2.01 26.12 -13.50
C SER A 601 2.80 26.01 -14.80
N VAL A 602 2.34 25.13 -15.69
CA VAL A 602 2.96 24.97 -17.00
C VAL A 602 2.10 25.57 -18.10
N ARG A 603 1.06 26.34 -17.75
CA ARG A 603 0.19 26.93 -18.76
C ARG A 603 0.91 27.97 -19.61
N GLY A 604 1.98 28.57 -19.10
CA GLY A 604 2.71 29.56 -19.86
C GLY A 604 3.71 29.00 -20.86
N ILE A 605 3.94 27.69 -20.85
CA ILE A 605 4.86 27.08 -21.79
C ILE A 605 4.16 26.64 -23.06
N TYR A 606 2.95 26.11 -22.94
CA TYR A 606 2.16 25.62 -24.08
C TYR A 606 1.08 26.60 -24.48
N ARG A 607 1.37 27.91 -24.40
CA ARG A 607 0.35 28.92 -24.64
C ARG A 607 0.14 29.17 -26.12
N GLU A 608 1.22 29.32 -26.88
CA GLU A 608 1.08 29.65 -28.30
C GLU A 608 0.43 28.51 -29.06
N LEU A 609 0.68 27.26 -28.64
CA LEU A 609 -0.02 26.14 -29.23
C LEU A 609 -1.52 26.26 -29.01
N MET A 610 -1.93 26.64 -27.80
CA MET A 610 -3.34 26.85 -27.53
C MET A 610 -3.92 27.99 -28.35
N GLU A 611 -3.12 29.05 -28.57
CA GLU A 611 -3.59 30.13 -29.42
C GLU A 611 -3.80 29.67 -30.86
N LYS A 612 -2.87 28.87 -31.39
CA LYS A 612 -3.03 28.33 -32.73
C LYS A 612 -4.27 27.46 -32.84
N ILE A 613 -4.49 26.59 -31.85
CA ILE A 613 -5.67 25.73 -31.86
C ILE A 613 -6.94 26.57 -31.79
N LYS A 614 -6.93 27.62 -30.95
CA LYS A 614 -8.09 28.49 -30.84
C LYS A 614 -8.38 29.19 -32.16
N ILE A 615 -7.35 29.66 -32.85
CA ILE A 615 -7.54 30.29 -34.16
C ILE A 615 -8.12 29.28 -35.14
N TYR A 616 -7.63 28.04 -35.11
CA TYR A 616 -8.17 27.01 -35.99
C TYR A 616 -9.64 26.75 -35.72
N ASN A 617 -10.03 26.69 -34.45
CA ASN A 617 -11.41 26.33 -34.11
C ASN A 617 -12.40 27.40 -34.54
N ASN A 618 -11.97 28.66 -34.67
CA ASN A 618 -12.87 29.76 -34.97
C ASN A 618 -12.85 30.15 -36.45
N SER A 619 -12.24 29.35 -37.31
CA SER A 619 -12.19 29.65 -38.73
C SER A 619 -13.45 29.17 -39.42
N GLN A 620 -14.10 30.06 -40.18
CA GLN A 620 -15.29 29.72 -40.94
C GLN A 620 -14.98 29.33 -42.37
N LYS A 621 -13.71 29.27 -42.75
CA LYS A 621 -13.34 28.91 -44.11
C LYS A 621 -13.73 27.48 -44.43
N ALA A 622 -14.11 27.25 -45.69
CA ALA A 622 -14.47 25.91 -46.12
C ALA A 622 -13.27 24.96 -46.07
N ASN A 623 -12.10 25.46 -46.47
CA ASN A 623 -10.88 24.65 -46.52
C ASN A 623 -9.94 25.13 -45.41
N LYS A 624 -9.90 24.39 -44.30
CA LYS A 624 -9.06 24.72 -43.15
C LYS A 624 -7.88 23.77 -43.14
N ASP A 625 -6.83 24.15 -43.87
CA ASP A 625 -5.61 23.36 -43.95
C ASP A 625 -4.38 24.09 -43.44
N GLN A 626 -4.26 25.39 -43.76
CA GLN A 626 -3.10 26.15 -43.32
C GLN A 626 -3.04 26.25 -41.80
N GLU A 627 -4.18 26.48 -41.16
CA GLU A 627 -4.22 26.46 -39.70
C GLU A 627 -3.84 25.09 -39.16
N SER A 628 -4.32 24.03 -39.82
CA SER A 628 -3.93 22.68 -39.43
C SER A 628 -2.44 22.47 -39.61
N LEU A 629 -1.85 23.02 -40.68
CA LEU A 629 -0.42 22.90 -40.89
C LEU A 629 0.37 23.62 -39.79
N ALA A 630 -0.09 24.81 -39.40
CA ALA A 630 0.58 25.54 -38.32
C ALA A 630 0.50 24.77 -37.00
N VAL A 631 -0.68 24.23 -36.69
CA VAL A 631 -0.85 23.44 -35.48
C VAL A 631 0.06 22.22 -35.52
N LYS A 632 0.14 21.54 -36.67
CA LYS A 632 1.00 20.38 -36.80
C LYS A 632 2.47 20.75 -36.62
N THR A 633 2.89 21.88 -37.18
CA THR A 633 4.27 22.32 -37.02
C THR A 633 4.60 22.56 -35.56
N LEU A 634 3.73 23.28 -34.85
CA LEU A 634 3.97 23.54 -33.43
C LEU A 634 3.96 22.26 -32.62
N THR A 635 3.07 21.33 -32.94
CA THR A 635 3.02 20.06 -32.23
C THR A 635 4.27 19.24 -32.44
N VAL A 636 4.77 19.17 -33.68
CA VAL A 636 5.97 18.39 -33.97
C VAL A 636 7.18 19.02 -33.33
N LYS A 637 7.24 20.36 -33.27
CA LYS A 637 8.40 21.02 -32.69
C LYS A 637 8.57 20.66 -31.22
N MET A 638 7.46 20.56 -30.48
CA MET A 638 7.53 20.24 -29.07
C MET A 638 7.62 18.75 -28.78
N GLY A 639 7.49 17.89 -29.80
CA GLY A 639 7.57 16.47 -29.58
C GLY A 639 6.32 15.84 -29.01
N ILE A 640 5.19 16.53 -29.07
CA ILE A 640 3.94 15.99 -28.52
C ILE A 640 3.44 14.82 -29.36
N HIS A 641 3.73 14.82 -30.66
CA HIS A 641 3.20 13.79 -31.55
C HIS A 641 3.67 12.39 -31.15
N ARG A 642 4.81 12.28 -30.48
CA ARG A 642 5.28 10.97 -30.04
C ARG A 642 4.44 10.42 -28.90
N ASP A 643 3.96 11.29 -28.01
CA ASP A 643 3.14 10.82 -26.89
C ASP A 643 1.78 10.32 -27.35
N LEU A 644 1.19 10.98 -28.35
CA LEU A 644 -0.13 10.62 -28.84
C LEU A 644 -0.09 9.60 -29.98
N GLY A 645 1.09 9.19 -30.41
CA GLY A 645 1.19 8.23 -31.50
C GLY A 645 0.72 8.77 -32.83
N LEU A 646 1.06 10.01 -33.15
CA LEU A 646 0.69 10.63 -34.41
C LEU A 646 1.88 10.58 -35.37
N ASP A 647 1.65 11.06 -36.60
CA ASP A 647 2.69 11.13 -37.61
C ASP A 647 3.27 12.55 -37.68
N SER A 648 4.41 12.66 -38.36
CA SER A 648 5.11 13.93 -38.51
C SER A 648 5.51 14.16 -39.96
N MET A 649 4.57 13.92 -40.88
CA MET A 649 4.85 14.13 -42.29
C MET A 649 4.95 15.61 -42.61
N ALA A 650 5.49 15.91 -43.79
CA ALA A 650 5.77 17.30 -44.15
C ALA A 650 4.50 18.06 -44.50
N ASN A 651 3.76 17.60 -45.50
CA ASN A 651 2.63 18.35 -46.05
C ASN A 651 1.34 17.55 -45.96
N LYS A 652 1.12 16.86 -44.85
CA LYS A 652 -0.15 16.14 -44.62
C LYS A 652 -0.84 16.73 -43.40
N PRO A 653 -1.88 17.55 -43.60
CA PRO A 653 -2.51 18.22 -42.45
C PRO A 653 -3.28 17.23 -41.57
N TYR A 654 -3.44 17.63 -40.31
CA TYR A 654 -4.20 16.84 -39.36
C TYR A 654 -5.69 16.95 -39.64
N THR A 655 -6.45 16.02 -39.06
CA THR A 655 -7.91 16.04 -39.13
C THR A 655 -8.48 16.63 -37.84
N GLU A 656 -9.81 16.68 -37.77
CA GLU A 656 -10.47 17.27 -36.60
C GLU A 656 -10.19 16.45 -35.34
N ASP A 657 -10.26 15.12 -35.45
CA ASP A 657 -10.12 14.27 -34.26
C ASP A 657 -8.71 14.39 -33.68
N GLU A 658 -7.69 14.44 -34.53
CA GLU A 658 -6.31 14.55 -34.04
C GLU A 658 -6.09 15.88 -33.33
N ILE A 659 -6.63 16.97 -33.89
CA ILE A 659 -6.50 18.27 -33.25
C ILE A 659 -7.25 18.29 -31.91
N ALA A 660 -8.40 17.63 -31.86
CA ALA A 660 -9.14 17.52 -30.60
C ALA A 660 -8.33 16.76 -29.56
N ARG A 661 -7.67 15.68 -29.97
CA ARG A 661 -6.83 14.92 -29.06
C ARG A 661 -5.67 15.77 -28.55
N VAL A 662 -5.04 16.54 -29.44
CA VAL A 662 -3.94 17.41 -29.04
C VAL A 662 -4.41 18.44 -28.02
N GLU A 663 -5.58 19.06 -28.29
CA GLU A 663 -6.12 20.04 -27.36
C GLU A 663 -6.43 19.43 -26.00
N ASN A 664 -7.00 18.23 -25.99
CA ASN A 664 -7.30 17.56 -24.73
C ASN A 664 -6.02 17.24 -23.96
N PHE A 665 -4.98 16.79 -24.67
CA PHE A 665 -3.71 16.50 -24.01
C PHE A 665 -3.11 17.76 -23.38
N ALA A 666 -3.13 18.87 -24.13
CA ALA A 666 -2.59 20.11 -23.60
C ALA A 666 -3.38 20.60 -22.39
N GLU A 667 -4.72 20.51 -22.46
CA GLU A 667 -5.54 20.97 -21.34
C GLU A 667 -5.34 20.08 -20.12
N GLU A 668 -5.15 18.78 -20.33
CA GLU A 668 -4.83 17.89 -19.22
C GLU A 668 -3.50 18.24 -18.59
N LEU A 669 -2.52 18.61 -19.41
CA LEU A 669 -1.24 19.09 -18.88
C LEU A 669 -1.43 20.34 -18.04
N ALA A 670 -2.29 21.26 -18.49
CA ALA A 670 -2.42 22.55 -17.82
C ALA A 670 -3.06 22.43 -16.45
N THR A 671 -3.88 21.40 -16.22
CA THR A 671 -4.63 21.30 -14.97
C THR A 671 -4.23 20.08 -14.14
N GLU A 672 -2.94 19.82 -14.01
CA GLU A 672 -2.44 18.71 -13.22
C GLU A 672 -2.02 19.19 -11.84
N LYS A 673 -2.18 18.32 -10.85
CA LYS A 673 -1.83 18.61 -9.47
C LYS A 673 -0.57 17.85 -9.08
N ILE A 674 0.35 18.54 -8.40
CA ILE A 674 1.63 17.96 -8.03
C ILE A 674 1.85 18.16 -6.53
N THR A 675 2.75 17.35 -5.98
CA THR A 675 3.12 17.43 -4.58
C THR A 675 4.35 18.30 -4.40
N GLY A 676 4.43 18.98 -3.26
CA GLY A 676 5.53 19.87 -3.00
C GLY A 676 6.53 19.34 -2.00
N GLN A 677 6.89 20.16 -1.01
CA GLN A 677 7.84 19.76 0.01
C GLN A 677 7.28 18.64 0.87
N LEU A 678 8.15 17.76 1.34
CA LEU A 678 7.73 16.63 2.15
C LEU A 678 7.26 17.10 3.52
N TYR A 679 6.60 16.19 4.24
CA TYR A 679 5.92 16.52 5.48
C TYR A 679 6.82 16.22 6.69
N THR A 680 6.83 17.14 7.63
CA THR A 680 7.59 17.02 8.88
C THR A 680 6.62 17.01 10.05
N MET A 681 6.81 16.06 10.97
CA MET A 681 5.92 15.96 12.12
C MET A 681 6.12 17.13 13.06
N GLY A 682 5.02 17.72 13.52
CA GLY A 682 5.07 18.87 14.40
C GLY A 682 5.19 20.21 13.70
N VAL A 683 5.11 20.24 12.37
CA VAL A 683 5.22 21.48 11.61
C VAL A 683 4.11 21.52 10.58
N PRO A 684 3.20 22.49 10.63
CA PRO A 684 2.14 22.56 9.61
C PRO A 684 2.66 23.11 8.30
N TYR A 685 1.80 23.10 7.29
CA TYR A 685 2.14 23.62 5.98
C TYR A 685 2.33 25.13 6.04
N GLU A 686 2.88 25.68 4.96
CA GLU A 686 2.87 27.12 4.78
C GLU A 686 1.45 27.59 4.46
N PRO A 687 1.12 28.84 4.77
CA PRO A 687 -0.25 29.32 4.47
C PRO A 687 -0.60 29.24 3.00
N GLU A 688 0.36 29.50 2.11
CA GLU A 688 0.11 29.34 0.68
C GLU A 688 -0.21 27.89 0.35
N ARG A 689 0.51 26.94 0.95
CA ARG A 689 0.23 25.54 0.72
C ARG A 689 -1.11 25.12 1.31
N ILE A 690 -1.49 25.70 2.46
CA ILE A 690 -2.83 25.46 3.00
C ILE A 690 -3.89 25.91 2.00
N THR A 691 -3.71 27.11 1.45
CA THR A 691 -4.68 27.63 0.47
C THR A 691 -4.76 26.73 -0.76
N SER A 692 -3.60 26.30 -1.27
CA SER A 692 -3.58 25.47 -2.47
C SER A 692 -4.22 24.10 -2.20
N SER A 693 -3.96 23.52 -1.03
CA SER A 693 -4.56 22.23 -0.70
C SER A 693 -6.08 22.34 -0.58
N VAL A 694 -6.56 23.40 0.07
CA VAL A 694 -8.01 23.57 0.19
C VAL A 694 -8.62 23.82 -1.19
N TYR A 695 -7.90 24.53 -2.06
CA TYR A 695 -8.37 24.69 -3.44
C TYR A 695 -8.48 23.35 -4.14
N ALA A 696 -7.48 22.49 -3.97
CA ALA A 696 -7.48 21.20 -4.67
C ALA A 696 -8.53 20.25 -4.12
N MET A 697 -8.90 20.39 -2.85
CA MET A 697 -9.80 19.42 -2.22
C MET A 697 -11.27 19.67 -2.52
N ALA A 698 -11.64 20.77 -3.18
CA ALA A 698 -13.05 21.15 -3.28
C ALA A 698 -13.55 21.53 -4.68
N THR A 699 -12.66 21.84 -5.63
CA THR A 699 -13.13 22.38 -6.90
C THR A 699 -13.74 21.31 -7.79
N GLU A 700 -13.02 20.21 -8.00
CA GLU A 700 -13.50 19.17 -8.90
C GLU A 700 -14.84 18.55 -8.50
N PRO A 701 -15.10 18.23 -7.23
CA PRO A 701 -16.43 17.71 -6.89
C PRO A 701 -17.57 18.64 -7.29
N ILE A 702 -17.44 19.92 -6.97
CA ILE A 702 -18.49 20.88 -7.32
C ILE A 702 -18.63 20.96 -8.84
N ALA A 703 -17.51 21.07 -9.55
CA ALA A 703 -17.56 21.22 -11.00
C ALA A 703 -18.25 20.02 -11.66
N TYR A 704 -17.83 18.81 -11.31
CA TYR A 704 -18.39 17.63 -11.95
C TYR A 704 -19.84 17.37 -11.53
N SER A 705 -20.19 17.67 -10.28
CA SER A 705 -21.57 17.52 -9.86
C SER A 705 -22.49 18.49 -10.59
N LEU A 706 -22.04 19.74 -10.76
CA LEU A 706 -22.82 20.70 -11.53
C LEU A 706 -22.94 20.27 -12.98
N PHE A 707 -21.87 19.75 -13.57
CA PHE A 707 -21.94 19.25 -14.94
C PHE A 707 -22.94 18.12 -15.07
N ALA A 708 -22.94 17.18 -14.12
CA ALA A 708 -23.89 16.08 -14.16
C ALA A 708 -25.32 16.59 -14.02
N LEU A 709 -25.54 17.54 -13.10
CA LEU A 709 -26.89 18.09 -12.92
C LEU A 709 -27.37 18.79 -14.18
N ASP A 710 -26.50 19.55 -14.83
CA ASP A 710 -26.88 20.21 -16.08
C ASP A 710 -27.18 19.18 -17.17
N LYS A 711 -26.39 18.10 -17.23
CA LYS A 711 -26.62 17.08 -18.24
C LYS A 711 -27.96 16.38 -18.03
N GLN A 712 -28.30 16.07 -16.78
CA GLN A 712 -29.54 15.32 -16.53
C GLN A 712 -30.78 16.11 -16.91
N ARG A 713 -30.73 17.44 -16.83
CA ARG A 713 -31.90 18.25 -17.15
C ARG A 713 -32.07 18.50 -18.64
N GLY A 714 -31.11 18.11 -19.46
CA GLY A 714 -31.25 18.23 -20.90
C GLY A 714 -30.77 19.55 -21.47
N LYS A 715 -29.59 20.00 -21.05
CA LYS A 715 -29.00 21.22 -21.55
C LYS A 715 -27.91 20.89 -22.57
N ALA A 716 -27.41 21.93 -23.24
CA ALA A 716 -26.41 21.78 -24.29
C ALA A 716 -25.04 21.56 -23.64
N THR A 717 -24.82 20.32 -23.20
CA THR A 717 -23.57 19.91 -22.57
C THR A 717 -22.67 19.12 -23.50
N GLU A 718 -23.06 18.98 -24.77
CA GLU A 718 -22.24 18.19 -25.71
C GLU A 718 -20.89 18.83 -25.95
N SER A 719 -20.85 20.15 -26.13
CA SER A 719 -19.59 20.83 -26.40
C SER A 719 -18.64 20.72 -25.22
N ALA A 720 -19.17 20.85 -24.00
CA ALA A 720 -18.32 20.73 -22.82
C ALA A 720 -17.84 19.31 -22.60
N GLU A 721 -18.64 18.32 -22.99
CA GLU A 721 -18.23 16.93 -22.88
C GLU A 721 -17.28 16.52 -23.99
N LYS A 722 -17.25 17.26 -25.09
CA LYS A 722 -16.38 16.95 -26.23
C LYS A 722 -15.02 17.63 -26.13
N HIS A 723 -14.97 18.83 -25.55
CA HIS A 723 -13.72 19.57 -25.38
C HIS A 723 -13.45 19.83 -23.91
N ARG A 724 -12.16 19.91 -23.58
CA ARG A 724 -11.76 20.19 -22.20
C ARG A 724 -11.65 21.67 -21.92
N SER A 725 -11.30 22.49 -22.92
CA SER A 725 -11.24 23.93 -22.72
C SER A 725 -12.62 24.50 -22.40
N VAL A 726 -13.66 24.02 -23.09
CA VAL A 726 -15.01 24.47 -22.81
C VAL A 726 -15.43 24.10 -21.40
N PHE A 727 -15.11 22.87 -20.98
CA PHE A 727 -15.43 22.45 -19.61
C PHE A 727 -14.69 23.30 -18.59
N THR A 728 -13.43 23.63 -18.86
CA THR A 728 -12.67 24.50 -17.96
C THR A 728 -13.31 25.88 -17.87
N GLN A 729 -13.75 26.41 -19.00
CA GLN A 729 -14.31 27.77 -19.03
C GLN A 729 -15.76 27.84 -18.60
N GLN A 730 -16.45 26.71 -18.45
CA GLN A 730 -17.86 26.72 -18.08
C GLN A 730 -18.16 26.14 -16.70
N TYR A 731 -17.29 25.31 -16.15
CA TYR A 731 -17.59 24.63 -14.90
C TYR A 731 -16.47 24.68 -13.86
N LEU A 732 -15.25 25.04 -14.24
CA LEU A 732 -14.12 25.00 -13.31
C LEU A 732 -13.83 26.36 -12.68
N MET A 733 -13.75 27.41 -13.49
CA MET A 733 -13.53 28.75 -12.96
C MET A 733 -14.63 29.21 -12.02
N PRO A 734 -15.92 29.06 -12.34
CA PRO A 734 -16.95 29.44 -11.36
C PRO A 734 -16.84 28.68 -10.05
N ALA A 735 -16.50 27.39 -10.12
CA ALA A 735 -16.33 26.61 -8.89
C ALA A 735 -15.15 27.14 -8.08
N ARG A 736 -14.06 27.50 -8.75
CA ARG A 736 -12.91 28.06 -8.04
C ARG A 736 -13.27 29.38 -7.37
N LEU A 737 -14.02 30.24 -8.07
CA LEU A 737 -14.45 31.51 -7.48
C LEU A 737 -15.35 31.28 -6.28
N LEU A 738 -16.29 30.34 -6.38
CA LEU A 738 -17.16 30.05 -5.25
C LEU A 738 -16.37 29.51 -4.07
N VAL A 739 -15.38 28.64 -4.33
CA VAL A 739 -14.55 28.11 -3.26
C VAL A 739 -13.76 29.22 -2.58
N GLU A 740 -13.22 30.14 -3.37
CA GLU A 740 -12.50 31.28 -2.79
C GLU A 740 -13.43 32.13 -1.92
N ARG A 741 -14.65 32.41 -2.41
CA ARG A 741 -15.59 33.20 -1.63
C ARG A 741 -15.93 32.51 -0.30
N LEU A 742 -16.20 31.20 -0.35
CA LEU A 742 -16.52 30.47 0.87
C LEU A 742 -15.32 30.38 1.82
N MET A 743 -14.11 30.33 1.27
CA MET A 743 -12.93 30.30 2.13
C MET A 743 -12.71 31.64 2.80
N ALA A 744 -13.03 32.73 2.12
CA ALA A 744 -12.86 34.05 2.74
C ALA A 744 -13.79 34.23 3.94
N ASN A 745 -15.05 33.83 3.82
CA ASN A 745 -16.03 33.99 4.89
C ASN A 745 -16.86 32.71 4.98
N PRO A 746 -16.59 31.87 5.97
CA PRO A 746 -17.29 30.57 6.05
C PRO A 746 -18.78 30.69 6.37
N SER A 747 -19.30 31.86 6.70
CA SER A 747 -20.68 31.98 7.13
C SER A 747 -21.68 32.13 5.98
N LEU A 748 -21.20 32.15 4.74
CA LEU A 748 -22.07 32.30 3.58
C LEU A 748 -22.77 31.01 3.19
N ALA A 749 -22.45 29.89 3.82
CA ALA A 749 -23.01 28.58 3.46
C ALA A 749 -24.45 28.50 3.95
N THR A 750 -25.38 28.96 3.13
CA THR A 750 -26.80 28.94 3.44
C THR A 750 -27.55 28.12 2.39
N ASP A 751 -28.77 27.71 2.75
CA ASP A 751 -29.57 26.91 1.81
C ASP A 751 -29.92 27.70 0.57
N GLU A 752 -30.08 29.02 0.67
CA GLU A 752 -30.35 29.83 -0.52
C GLU A 752 -29.17 29.80 -1.47
N LEU A 753 -27.94 29.83 -0.93
CA LEU A 753 -26.76 29.72 -1.78
C LEU A 753 -26.76 28.38 -2.52
N ILE A 754 -27.10 27.30 -1.83
CA ILE A 754 -27.14 25.98 -2.46
C ILE A 754 -28.19 25.95 -3.56
N CYS A 755 -29.39 26.47 -3.28
CA CYS A 755 -30.46 26.42 -4.27
C CYS A 755 -30.15 27.30 -5.47
N HIS A 756 -29.46 28.43 -5.27
CA HIS A 756 -29.10 29.27 -6.40
C HIS A 756 -27.94 28.70 -7.20
N THR A 757 -26.98 28.04 -6.54
CA THR A 757 -25.86 27.45 -7.26
C THR A 757 -26.32 26.24 -8.07
N ALA A 758 -27.13 25.36 -7.47
CA ALA A 758 -27.62 24.18 -8.16
C ALA A 758 -28.81 24.47 -9.06
N GLY A 759 -29.38 25.67 -9.00
CA GLY A 759 -30.53 25.99 -9.82
C GLY A 759 -31.76 25.15 -9.53
N ILE A 760 -32.07 24.94 -8.24
CA ILE A 760 -33.19 24.11 -7.84
C ILE A 760 -34.04 24.89 -6.85
N THR A 761 -35.30 24.48 -6.75
CA THR A 761 -36.23 25.04 -5.79
C THR A 761 -36.05 24.39 -4.43
N PRO A 762 -36.44 25.08 -3.35
CA PRO A 762 -36.28 24.48 -2.01
C PRO A 762 -37.00 23.17 -1.81
N GLN A 763 -38.17 22.99 -2.44
CA GLN A 763 -38.89 21.72 -2.30
C GLN A 763 -38.12 20.56 -2.92
N GLU A 764 -37.46 20.81 -4.05
CA GLU A 764 -36.61 19.78 -4.64
C GLU A 764 -35.45 19.42 -3.72
N LEU A 765 -34.86 20.42 -3.07
CA LEU A 765 -33.79 20.16 -2.11
C LEU A 765 -34.30 19.33 -0.94
N ALA A 766 -35.51 19.65 -0.45
CA ALA A 766 -36.10 18.87 0.64
C ALA A 766 -36.35 17.42 0.20
N LYS A 767 -36.84 17.23 -1.02
CA LYS A 767 -37.06 15.88 -1.52
C LYS A 767 -35.75 15.11 -1.65
N ALA A 768 -34.70 15.77 -2.12
CA ALA A 768 -33.40 15.12 -2.22
C ALA A 768 -32.87 14.75 -0.84
N ARG A 769 -33.04 15.63 0.15
CA ARG A 769 -32.63 15.31 1.51
C ARG A 769 -33.41 14.11 2.05
N GLN A 770 -34.72 14.07 1.78
CA GLN A 770 -35.54 12.95 2.23
C GLN A 770 -35.08 11.64 1.60
N ILE A 771 -34.78 11.65 0.30
CA ILE A 771 -34.31 10.45 -0.37
C ILE A 771 -32.96 10.01 0.20
N GLU A 772 -32.06 10.96 0.42
CA GLU A 772 -30.75 10.62 0.99
C GLU A 772 -30.88 10.04 2.39
N ALA A 773 -31.78 10.60 3.21
CA ALA A 773 -32.00 10.06 4.55
C ALA A 773 -32.60 8.67 4.50
N GLU A 774 -33.55 8.44 3.59
CA GLU A 774 -34.17 7.12 3.49
C GLU A 774 -33.16 6.07 3.03
N ARG A 775 -32.28 6.43 2.09
CA ARG A 775 -31.28 5.48 1.62
C ARG A 775 -30.20 5.18 2.66
N ASN A 776 -30.13 5.96 3.74
CA ASN A 776 -29.13 5.72 4.77
C ASN A 776 -29.81 5.34 6.09
N TYR A 899 -38.14 4.59 -5.46
CA TYR A 899 -37.86 5.72 -6.35
C TYR A 899 -37.15 5.24 -7.62
N SER A 900 -37.24 6.04 -8.67
CA SER A 900 -36.58 5.72 -9.92
C SER A 900 -35.09 6.07 -9.83
N LYS A 901 -34.33 5.58 -10.82
CA LYS A 901 -32.88 5.76 -10.80
C LYS A 901 -32.49 7.22 -10.97
N GLU A 902 -33.20 7.96 -11.83
CA GLU A 902 -32.86 9.36 -12.07
C GLU A 902 -33.01 10.19 -10.79
N GLU A 903 -34.05 9.91 -10.00
CA GLU A 903 -34.21 10.61 -8.73
C GLU A 903 -33.04 10.30 -7.79
N VAL A 904 -32.60 9.04 -7.77
CA VAL A 904 -31.50 8.66 -6.89
C VAL A 904 -30.22 9.39 -7.27
N GLU A 905 -29.91 9.43 -8.58
CA GLU A 905 -28.67 10.08 -8.99
C GLU A 905 -28.75 11.59 -8.80
N PHE A 906 -29.93 12.18 -9.02
CA PHE A 906 -30.12 13.60 -8.75
C PHE A 906 -29.88 13.90 -7.27
N ALA A 907 -30.43 13.08 -6.39
CA ALA A 907 -30.24 13.28 -4.96
C ALA A 907 -28.78 13.11 -4.57
N LEU A 908 -28.08 12.14 -5.17
CA LEU A 908 -26.66 11.95 -4.87
C LEU A 908 -25.84 13.17 -5.27
N ALA A 909 -26.11 13.72 -6.47
CA ALA A 909 -25.38 14.91 -6.91
C ALA A 909 -25.66 16.09 -5.99
N VAL A 910 -26.94 16.27 -5.59
CA VAL A 910 -27.29 17.37 -4.71
C VAL A 910 -26.58 17.23 -3.37
N ALA A 911 -26.56 16.02 -2.81
CA ALA A 911 -25.89 15.79 -1.53
C ALA A 911 -24.40 16.06 -1.63
N GLU A 912 -23.77 15.65 -2.75
CA GLU A 912 -22.35 15.92 -2.94
C GLU A 912 -22.08 17.41 -2.96
N VAL A 913 -22.89 18.17 -3.70
CA VAL A 913 -22.73 19.62 -3.74
C VAL A 913 -22.88 20.21 -2.35
N GLU A 914 -23.90 19.77 -1.62
CA GLU A 914 -24.17 20.32 -0.29
C GLU A 914 -23.00 20.09 0.66
N ARG A 915 -22.50 18.85 0.71
CA ARG A 915 -21.38 18.55 1.60
C ARG A 915 -20.13 19.33 1.21
N THR A 916 -19.83 19.39 -0.08
CA THR A 916 -18.63 20.09 -0.51
C THR A 916 -18.70 21.58 -0.18
N ILE A 917 -19.87 22.18 -0.36
CA ILE A 917 -20.02 23.59 0.00
C ILE A 917 -19.90 23.77 1.51
N LYS A 918 -20.49 22.86 2.29
CA LYS A 918 -20.55 23.07 3.74
C LYS A 918 -19.19 22.93 4.41
N ASN A 919 -18.36 21.97 3.99
CA ASN A 919 -17.25 21.55 4.83
C ASN A 919 -15.91 22.23 4.50
N VAL A 920 -15.92 23.38 3.82
CA VAL A 920 -14.65 24.01 3.42
C VAL A 920 -13.90 24.53 4.65
N GLY A 921 -14.59 25.25 5.53
CA GLY A 921 -13.93 25.76 6.72
C GLY A 921 -13.44 24.65 7.63
N ASN A 922 -14.20 23.55 7.71
CA ASN A 922 -13.76 22.39 8.47
C ASN A 922 -12.49 21.80 7.86
N TYR A 923 -12.42 21.73 6.52
CA TYR A 923 -11.19 21.26 5.87
C TYR A 923 -10.00 22.11 6.30
N LYS A 924 -10.16 23.44 6.23
CA LYS A 924 -9.04 24.32 6.57
C LYS A 924 -8.64 24.17 8.04
N ASN A 925 -9.63 24.10 8.93
CA ASN A 925 -9.33 23.96 10.36
C ASN A 925 -8.62 22.65 10.65
N ALA A 926 -9.09 21.55 10.05
CA ALA A 926 -8.45 20.26 10.27
C ALA A 926 -7.01 20.27 9.75
N LEU A 927 -6.79 20.87 8.58
CA LEU A 927 -5.43 20.97 8.05
C LEU A 927 -4.53 21.76 9.00
N LEU A 928 -5.06 22.82 9.61
CA LEU A 928 -4.25 23.61 10.52
C LEU A 928 -4.02 22.92 11.86
N THR A 929 -4.93 22.04 12.29
CA THR A 929 -4.86 21.49 13.64
C THR A 929 -4.29 20.08 13.73
N SER A 930 -4.19 19.35 12.62
CA SER A 930 -3.75 17.95 12.71
C SER A 930 -2.36 17.73 13.32
N PRO A 931 -1.32 18.50 12.99
CA PRO A 931 0.03 18.14 13.48
C PRO A 931 0.15 18.06 14.99
N GLU A 932 -0.52 18.94 15.74
CA GLU A 932 -0.48 18.84 17.19
C GLU A 932 -1.24 17.62 17.69
N GLU A 933 -2.37 17.32 17.06
CA GLU A 933 -3.15 16.15 17.46
C GLU A 933 -2.37 14.86 17.26
N GLU A 934 -1.50 14.80 16.24
CA GLU A 934 -0.71 13.59 16.05
C GLU A 934 0.18 13.31 17.26
N LEU A 935 0.94 14.31 17.70
CA LEU A 935 1.82 14.12 18.85
C LEU A 935 1.04 13.86 20.12
N SER A 936 -0.07 14.59 20.31
CA SER A 936 -0.88 14.37 21.51
C SER A 936 -1.43 12.95 21.55
N SER A 937 -1.91 12.44 20.42
CA SER A 937 -2.44 11.09 20.37
C SER A 937 -1.34 10.06 20.62
N LEU A 938 -0.14 10.29 20.08
CA LEU A 938 0.95 9.36 20.33
C LEU A 938 1.32 9.32 21.81
N MET A 939 1.38 10.49 22.46
CA MET A 939 1.68 10.50 23.89
C MET A 939 0.58 9.81 24.69
N ASN A 940 -0.68 10.06 24.36
CA ASN A 940 -1.78 9.41 25.07
C ASN A 940 -1.73 7.90 24.89
N ALA A 941 -1.42 7.43 23.69
CA ALA A 941 -1.27 5.99 23.47
C ALA A 941 -0.13 5.43 24.28
N LEU A 942 1.00 6.13 24.34
CA LEU A 942 2.12 5.68 25.16
C LEU A 942 1.78 5.63 26.64
N LYS A 943 0.82 6.43 27.08
CA LYS A 943 0.37 6.36 28.47
C LYS A 943 -0.70 5.29 28.68
N GLY A 944 -1.08 4.56 27.64
CA GLY A 944 -2.04 3.48 27.79
C GLY A 944 -3.48 3.84 27.53
N GLY A 945 -3.75 4.87 26.73
CA GLY A 945 -5.09 5.31 26.46
C GLY A 945 -5.71 4.61 25.26
N TYR A 946 -6.83 5.16 24.81
CA TYR A 946 -7.61 4.59 23.72
C TYR A 946 -7.47 5.44 22.46
N THR A 947 -7.32 4.77 21.32
CA THR A 947 -7.17 5.43 20.03
C THR A 947 -8.42 5.19 19.19
N ALA A 948 -9.03 6.27 18.70
CA ALA A 948 -10.28 6.20 17.97
C ALA A 948 -10.08 5.64 16.57
N PRO A 949 -11.10 5.00 16.00
CA PRO A 949 -10.98 4.45 14.65
C PRO A 949 -11.22 5.51 13.58
N THR A 950 -10.82 5.17 12.35
CA THR A 950 -10.94 6.06 11.21
C THR A 950 -10.90 5.23 9.94
N PRO A 951 -11.45 5.74 8.82
CA PRO A 951 -11.23 5.08 7.53
C PRO A 951 -9.93 5.52 6.87
N GLY A 952 -9.66 5.04 5.67
CA GLY A 952 -8.41 5.35 5.01
C GLY A 952 -8.56 6.00 3.63
N GLY A 953 -7.49 6.64 3.17
CA GLY A 953 -7.50 7.31 1.88
C GLY A 953 -6.92 8.71 1.99
N ASP A 954 -6.34 9.18 0.89
CA ASP A 954 -5.77 10.52 0.86
C ASP A 954 -6.89 11.57 0.91
N PRO A 955 -6.58 12.79 1.39
CA PRO A 955 -7.64 13.77 1.59
C PRO A 955 -8.43 14.12 0.33
N ILE A 956 -7.80 14.10 -0.84
CA ILE A 956 -8.52 14.41 -2.07
C ILE A 956 -9.58 13.35 -2.34
N ALA A 957 -9.23 12.07 -2.17
CA ALA A 957 -10.17 11.00 -2.46
C ALA A 957 -11.23 10.86 -1.38
N ASN A 958 -10.86 11.04 -0.12
CA ASN A 958 -11.78 10.87 1.01
C ASN A 958 -11.51 11.95 2.05
N PRO A 959 -12.36 12.96 2.15
CA PRO A 959 -12.15 14.03 3.13
C PRO A 959 -12.44 13.63 4.56
N ASN A 960 -12.99 12.43 4.80
CA ASN A 960 -13.34 12.00 6.14
C ASN A 960 -12.15 11.49 6.95
N THR A 961 -10.95 11.55 6.39
CA THR A 961 -9.75 11.06 7.07
C THR A 961 -9.07 12.11 7.94
N LEU A 962 -9.64 13.31 8.04
CA LEU A 962 -9.08 14.37 8.87
C LEU A 962 -9.95 14.60 10.10
N PRO A 963 -9.35 14.89 11.26
CA PRO A 963 -7.91 15.01 11.54
C PRO A 963 -7.23 13.66 11.69
N THR A 964 -5.91 13.62 11.69
CA THR A 964 -5.16 12.38 11.75
C THR A 964 -4.84 12.00 13.20
N GLY A 965 -4.12 10.89 13.36
CA GLY A 965 -3.79 10.39 14.68
C GLY A 965 -4.76 9.35 15.17
N ARG A 966 -5.29 8.52 14.27
CA ARG A 966 -6.32 7.54 14.59
C ARG A 966 -5.94 6.20 13.99
N ASN A 967 -6.81 5.21 14.21
CA ASN A 967 -6.57 3.82 13.82
C ASN A 967 -7.47 3.46 12.64
N MET A 968 -6.88 2.92 11.58
CA MET A 968 -7.60 2.67 10.34
C MET A 968 -8.21 1.27 10.32
N TYR A 969 -9.30 1.14 9.55
CA TYR A 969 -9.97 -0.15 9.34
C TYR A 969 -10.32 -0.30 7.87
N ALA A 970 -10.93 -1.44 7.53
CA ALA A 970 -11.23 -1.78 6.15
C ALA A 970 -12.71 -2.14 5.96
N ILE A 971 -13.05 -2.67 4.79
CA ILE A 971 -14.42 -3.00 4.47
C ILE A 971 -14.62 -4.52 4.57
N ASN A 972 -15.88 -4.94 4.52
CA ASN A 972 -16.22 -6.36 4.53
C ASN A 972 -16.20 -6.90 3.10
N ALA A 973 -15.43 -7.97 2.88
CA ALA A 973 -15.21 -8.50 1.55
C ALA A 973 -16.33 -9.42 1.08
N GLU A 974 -17.24 -9.83 1.96
CA GLU A 974 -18.32 -10.72 1.56
C GLU A 974 -19.45 -10.01 0.83
N ALA A 975 -19.47 -8.68 0.84
CA ALA A 975 -20.49 -7.90 0.16
C ALA A 975 -20.00 -7.27 -1.12
N THR A 976 -18.85 -7.69 -1.63
CA THR A 976 -18.26 -7.11 -2.83
C THR A 976 -18.43 -8.04 -4.03
N PRO A 977 -18.58 -7.50 -5.24
CA PRO A 977 -18.65 -6.07 -5.60
C PRO A 977 -19.98 -5.44 -5.18
N THR A 978 -19.94 -4.20 -4.69
CA THR A 978 -21.15 -3.55 -4.23
C THR A 978 -22.00 -3.12 -5.42
N GLU A 979 -23.19 -2.58 -5.11
CA GLU A 979 -24.09 -2.13 -6.17
C GLU A 979 -23.51 -0.96 -6.95
N SER A 980 -22.71 -0.12 -6.30
CA SER A 980 -22.16 1.06 -6.96
C SER A 980 -21.00 0.69 -7.89
N ALA A 981 -20.19 -0.30 -7.53
CA ALA A 981 -19.04 -0.66 -8.34
C ALA A 981 -19.42 -1.37 -9.62
N TRP A 982 -20.61 -1.97 -9.68
CA TRP A 982 -21.00 -2.77 -10.83
C TRP A 982 -21.12 -1.92 -12.09
N GLU A 983 -21.81 -0.78 -11.99
CA GLU A 983 -21.98 0.08 -13.15
C GLU A 983 -20.66 0.67 -13.61
N LYS A 984 -19.80 1.06 -12.67
CA LYS A 984 -18.50 1.61 -13.03
C LYS A 984 -17.65 0.57 -13.74
N GLY A 985 -17.67 -0.67 -13.25
CA GLY A 985 -16.96 -1.74 -13.94
C GLY A 985 -17.47 -1.97 -15.34
N ILE A 986 -18.81 -1.96 -15.51
CA ILE A 986 -19.39 -2.15 -16.83
C ILE A 986 -18.93 -1.04 -17.78
N ALA A 987 -18.98 0.21 -17.31
CA ALA A 987 -18.58 1.34 -18.14
C ALA A 987 -17.10 1.25 -18.53
N LEU A 988 -16.25 0.88 -17.57
CA LEU A 988 -14.82 0.77 -17.88
C LEU A 988 -14.54 -0.35 -18.87
N ALA A 989 -15.24 -1.48 -18.75
CA ALA A 989 -15.05 -2.56 -19.71
C ALA A 989 -15.49 -2.13 -21.11
N LYS A 990 -16.61 -1.41 -21.20
CA LYS A 990 -17.06 -0.91 -22.50
C LYS A 990 -16.05 0.07 -23.09
N GLN A 991 -15.48 0.94 -22.27
CA GLN A 991 -14.46 1.87 -22.76
C GLN A 991 -13.23 1.13 -23.27
N THR A 992 -12.81 0.08 -22.55
CA THR A 992 -11.66 -0.70 -22.98
C THR A 992 -11.92 -1.34 -24.35
N ILE A 993 -13.10 -1.94 -24.51
CA ILE A 993 -13.43 -2.57 -25.80
C ILE A 993 -13.46 -1.53 -26.91
N ASP A 994 -14.07 -0.37 -26.64
CA ASP A 994 -14.14 0.67 -27.67
C ASP A 994 -12.76 1.16 -28.07
N ARG A 995 -11.87 1.37 -27.09
CA ARG A 995 -10.53 1.84 -27.41
C ARG A 995 -9.76 0.81 -28.24
N TYR A 996 -9.85 -0.46 -27.85
CA TYR A 996 -9.15 -1.48 -28.63
C TYR A 996 -9.69 -1.56 -30.06
N LYS A 997 -11.01 -1.47 -30.22
CA LYS A 997 -11.59 -1.48 -31.56
C LYS A 997 -11.13 -0.28 -32.36
N GLN A 998 -10.99 0.87 -31.69
CA GLN A 998 -10.56 2.08 -32.39
C GLN A 998 -9.13 1.97 -32.87
N ARG A 999 -8.26 1.32 -32.08
CA ARG A 999 -6.85 1.25 -32.45
C ARG A 999 -6.52 0.10 -33.40
N HIS A 1000 -7.42 -0.84 -33.64
CA HIS A 1000 -7.10 -2.05 -34.39
C HIS A 1000 -8.16 -2.38 -35.42
N ASN A 1001 -8.66 -1.37 -36.13
CA ASN A 1001 -9.56 -1.56 -37.27
C ASN A 1001 -10.81 -2.36 -36.89
N ASP A 1002 -11.44 -1.96 -35.79
CA ASP A 1002 -12.72 -2.54 -35.36
C ASP A 1002 -12.64 -4.05 -35.13
N SER A 1003 -11.58 -4.48 -34.43
CA SER A 1003 -11.44 -5.86 -33.99
C SER A 1003 -11.50 -5.90 -32.47
N ILE A 1004 -12.13 -6.94 -31.93
CA ILE A 1004 -12.26 -7.08 -30.48
C ILE A 1004 -11.16 -8.00 -29.98
N PRO A 1005 -10.69 -7.82 -28.74
CA PRO A 1005 -9.61 -8.68 -28.24
C PRO A 1005 -10.09 -10.10 -27.97
N ARG A 1006 -9.13 -11.03 -27.94
CA ARG A 1006 -9.42 -12.42 -27.67
C ARG A 1006 -9.28 -12.77 -26.19
N LYS A 1007 -8.34 -12.16 -25.49
CA LYS A 1007 -8.12 -12.42 -24.07
C LYS A 1007 -7.55 -11.18 -23.42
N VAL A 1008 -7.88 -10.99 -22.15
CA VAL A 1008 -7.45 -9.81 -21.39
C VAL A 1008 -6.82 -10.27 -20.07
N SER A 1009 -5.76 -9.57 -19.66
CA SER A 1009 -5.04 -9.86 -18.43
C SER A 1009 -5.28 -8.76 -17.41
N TYR A 1010 -5.36 -9.15 -16.14
CA TYR A 1010 -5.62 -8.22 -15.05
C TYR A 1010 -4.66 -8.45 -13.90
N THR A 1011 -4.35 -7.37 -13.19
CA THR A 1011 -3.56 -7.42 -11.96
C THR A 1011 -4.40 -6.85 -10.82
N LEU A 1012 -4.45 -7.56 -9.70
CA LEU A 1012 -5.29 -7.19 -8.58
C LEU A 1012 -4.44 -6.79 -7.38
N TRP A 1013 -4.71 -5.59 -6.86
CA TRP A 1013 -4.06 -5.09 -5.66
C TRP A 1013 -5.11 -4.81 -4.59
N SER A 1014 -4.65 -4.42 -3.40
CA SER A 1014 -5.52 -4.35 -2.23
C SER A 1014 -6.08 -2.97 -1.97
N SER A 1015 -5.28 -1.91 -2.11
CA SER A 1015 -5.74 -0.57 -1.76
C SER A 1015 -6.91 -0.13 -2.64
N GLU A 1016 -6.81 -0.37 -3.96
CA GLU A 1016 -7.91 0.02 -4.83
C GLU A 1016 -9.13 -0.86 -4.61
N PHE A 1017 -8.92 -2.12 -4.22
CA PHE A 1017 -10.05 -2.98 -3.86
C PHE A 1017 -10.79 -2.42 -2.65
N ILE A 1018 -10.05 -1.96 -1.64
CA ILE A 1018 -10.70 -1.41 -0.46
C ILE A 1018 -11.40 -0.10 -0.78
N GLU A 1019 -10.74 0.77 -1.55
CA GLU A 1019 -11.23 2.13 -1.75
C GLU A 1019 -12.24 2.26 -2.88
N THR A 1020 -12.43 1.22 -3.70
CA THR A 1020 -13.43 1.27 -4.75
C THR A 1020 -14.61 0.34 -4.54
N GLY A 1021 -14.43 -0.72 -3.77
CA GLY A 1021 -15.49 -1.69 -3.54
C GLY A 1021 -15.48 -2.90 -4.45
N GLY A 1022 -14.44 -3.06 -5.27
CA GLY A 1022 -14.35 -4.21 -6.15
C GLY A 1022 -14.73 -3.93 -7.58
N ALA A 1023 -14.25 -2.81 -8.12
CA ALA A 1023 -14.59 -2.46 -9.50
C ALA A 1023 -13.87 -3.35 -10.50
N THR A 1024 -12.63 -3.74 -10.20
CA THR A 1024 -11.87 -4.58 -11.13
C THR A 1024 -12.50 -5.97 -11.25
N ILE A 1025 -13.00 -6.51 -10.15
CA ILE A 1025 -13.71 -7.78 -10.20
C ILE A 1025 -14.96 -7.64 -11.06
N ALA A 1026 -15.64 -6.50 -10.96
CA ALA A 1026 -16.80 -6.26 -11.82
C ALA A 1026 -16.40 -6.21 -13.29
N GLN A 1027 -15.27 -5.60 -13.61
CA GLN A 1027 -14.79 -5.57 -14.98
C GLN A 1027 -14.51 -6.99 -15.48
N VAL A 1028 -13.86 -7.80 -14.66
CA VAL A 1028 -13.56 -9.18 -15.07
C VAL A 1028 -14.84 -9.96 -15.32
N LEU A 1029 -15.79 -9.86 -14.39
CA LEU A 1029 -17.03 -10.61 -14.51
C LEU A 1029 -17.82 -10.17 -15.74
N TYR A 1030 -17.85 -8.86 -16.03
CA TYR A 1030 -18.56 -8.39 -17.20
C TYR A 1030 -17.86 -8.80 -18.49
N MET A 1031 -16.52 -8.86 -18.47
CA MET A 1031 -15.80 -9.40 -19.63
C MET A 1031 -16.20 -10.84 -19.89
N LEU A 1032 -16.30 -11.65 -18.83
CA LEU A 1032 -16.74 -13.02 -19.00
C LEU A 1032 -18.20 -13.09 -19.46
N GLY A 1033 -19.06 -12.25 -18.89
CA GLY A 1033 -20.47 -12.28 -19.21
C GLY A 1033 -21.31 -12.91 -18.12
N VAL A 1034 -20.93 -12.68 -16.87
CA VAL A 1034 -21.57 -13.27 -15.70
C VAL A 1034 -21.86 -12.16 -14.71
N GLU A 1035 -22.99 -12.27 -14.01
CA GLU A 1035 -23.39 -11.24 -13.07
C GLU A 1035 -23.64 -11.84 -11.69
N PRO A 1036 -23.42 -11.06 -10.63
CA PRO A 1036 -23.62 -11.59 -9.28
C PRO A 1036 -25.09 -11.60 -8.89
N VAL A 1037 -25.39 -12.39 -7.85
CA VAL A 1037 -26.72 -12.50 -7.27
C VAL A 1037 -26.61 -12.20 -5.78
N ARG A 1038 -27.47 -11.32 -5.29
CA ARG A 1038 -27.44 -10.87 -3.91
C ARG A 1038 -28.62 -11.45 -3.13
N ASP A 1039 -28.37 -11.75 -1.86
CA ASP A 1039 -29.40 -12.26 -0.98
C ASP A 1039 -30.10 -11.10 -0.27
N ALA A 1040 -30.94 -11.40 0.72
CA ALA A 1040 -31.67 -10.37 1.43
C ALA A 1040 -30.76 -9.50 2.30
N PHE A 1041 -29.57 -10.00 2.66
CA PHE A 1041 -28.64 -9.28 3.51
C PHE A 1041 -27.59 -8.52 2.73
N GLY A 1042 -27.68 -8.51 1.40
CA GLY A 1042 -26.72 -7.79 0.58
C GLY A 1042 -25.41 -8.48 0.35
N ARG A 1043 -25.34 -9.79 0.59
CA ARG A 1043 -24.12 -10.55 0.38
C ARG A 1043 -24.16 -11.27 -0.96
N VAL A 1044 -23.03 -11.27 -1.67
CA VAL A 1044 -22.91 -11.90 -2.96
C VAL A 1044 -22.37 -13.32 -2.76
N SER A 1045 -23.15 -14.32 -3.18
CA SER A 1045 -22.75 -15.70 -2.99
C SER A 1045 -23.09 -16.60 -4.19
N ASP A 1046 -23.61 -16.05 -5.29
CA ASP A 1046 -24.01 -16.86 -6.41
C ASP A 1046 -23.86 -16.05 -7.70
N LEU A 1047 -23.81 -16.76 -8.82
CA LEU A 1047 -23.58 -16.14 -10.13
C LEU A 1047 -24.67 -16.55 -11.10
N LYS A 1048 -24.88 -15.72 -12.11
CA LYS A 1048 -25.88 -15.95 -13.14
C LYS A 1048 -25.30 -15.61 -14.50
N LEU A 1049 -25.75 -16.33 -15.53
CA LEU A 1049 -25.21 -16.18 -16.87
C LEU A 1049 -26.04 -15.18 -17.66
N ILE A 1050 -25.37 -14.19 -18.23
CA ILE A 1050 -26.05 -13.18 -19.05
C ILE A 1050 -26.34 -13.78 -20.43
N PRO A 1051 -27.56 -13.66 -20.94
CA PRO A 1051 -27.86 -14.19 -22.28
C PRO A 1051 -27.02 -13.51 -23.35
N SER A 1052 -26.71 -14.28 -24.41
CA SER A 1052 -25.84 -13.77 -25.46
C SER A 1052 -26.48 -12.61 -26.21
N THR A 1053 -27.80 -12.63 -26.39
CA THR A 1053 -28.47 -11.54 -27.11
C THR A 1053 -28.33 -10.22 -26.35
N GLU A 1054 -28.45 -10.25 -25.03
CA GLU A 1054 -28.31 -9.03 -24.24
C GLU A 1054 -26.88 -8.52 -24.26
N LEU A 1055 -25.91 -9.42 -24.32
CA LEU A 1055 -24.50 -9.01 -24.31
C LEU A 1055 -24.15 -8.22 -25.56
N GLY A 1056 -24.63 -8.67 -26.73
CA GLY A 1056 -24.38 -7.97 -27.96
C GLY A 1056 -22.99 -8.13 -28.54
N ARG A 1057 -22.20 -9.07 -28.03
CA ARG A 1057 -20.83 -9.25 -28.48
C ARG A 1057 -20.38 -10.65 -28.06
N PRO A 1058 -19.31 -11.17 -28.68
CA PRO A 1058 -18.76 -12.44 -28.22
C PRO A 1058 -18.17 -12.33 -26.83
N ARG A 1059 -18.13 -13.46 -26.13
CA ARG A 1059 -17.51 -13.50 -24.82
C ARG A 1059 -15.99 -13.45 -24.95
N ILE A 1060 -15.34 -12.89 -23.93
CA ILE A 1060 -13.90 -12.65 -23.93
C ILE A 1060 -13.30 -13.32 -22.70
N ASP A 1061 -12.18 -14.03 -22.91
CA ASP A 1061 -11.53 -14.75 -21.83
C ASP A 1061 -10.58 -13.84 -21.06
N VAL A 1062 -10.37 -14.18 -19.79
CA VAL A 1062 -9.56 -13.36 -18.89
C VAL A 1062 -8.53 -14.23 -18.19
N VAL A 1063 -7.45 -13.59 -17.74
CA VAL A 1063 -6.46 -14.22 -16.88
C VAL A 1063 -6.04 -13.17 -15.84
N VAL A 1064 -5.85 -13.62 -14.60
CA VAL A 1064 -5.71 -12.73 -13.46
C VAL A 1064 -4.45 -13.09 -12.67
N GLN A 1065 -3.73 -12.07 -12.22
CA GLN A 1065 -2.63 -12.25 -11.27
C GLN A 1065 -2.85 -11.33 -10.07
N THR A 1066 -2.35 -11.78 -8.91
CA THR A 1066 -2.66 -11.14 -7.63
C THR A 1066 -1.38 -10.92 -6.84
N SER A 1067 -1.52 -10.19 -5.74
CA SER A 1067 -0.46 -9.99 -4.76
C SER A 1067 -0.85 -10.62 -3.43
N GLY A 1068 0.12 -10.73 -2.53
CA GLY A 1068 -0.12 -11.39 -1.26
C GLY A 1068 -1.13 -10.67 -0.39
N GLN A 1069 -1.09 -9.33 -0.39
CA GLN A 1069 -2.01 -8.56 0.43
C GLN A 1069 -3.45 -8.80 0.02
N LEU A 1070 -3.73 -8.82 -1.29
CA LEU A 1070 -5.08 -9.08 -1.75
C LEU A 1070 -5.53 -10.49 -1.39
N ARG A 1071 -4.64 -11.47 -1.54
CA ARG A 1071 -4.99 -12.84 -1.17
C ARG A 1071 -5.31 -12.95 0.31
N ASP A 1072 -4.61 -12.18 1.14
CA ASP A 1072 -4.96 -12.14 2.56
C ASP A 1072 -6.32 -11.48 2.77
N LEU A 1073 -6.60 -10.40 2.05
CA LEU A 1073 -7.83 -9.65 2.29
C LEU A 1073 -9.07 -10.38 1.80
N ALA A 1074 -9.03 -10.94 0.59
CA ALA A 1074 -10.23 -11.51 -0.01
C ALA A 1074 -9.83 -12.72 -0.85
N ALA A 1075 -10.05 -13.92 -0.30
CA ALA A 1075 -9.73 -15.16 -1.00
C ALA A 1075 -10.95 -15.82 -1.64
N SER A 1076 -12.16 -15.55 -1.14
CA SER A 1076 -13.35 -16.18 -1.71
C SER A 1076 -13.71 -15.58 -3.06
N ARG A 1077 -13.34 -14.32 -3.31
CA ARG A 1077 -13.61 -13.70 -4.60
C ARG A 1077 -12.84 -14.40 -5.72
N LEU A 1078 -11.64 -14.91 -5.41
CA LEU A 1078 -10.91 -15.69 -6.40
C LEU A 1078 -11.65 -16.98 -6.75
N PHE A 1079 -12.24 -17.62 -5.75
CA PHE A 1079 -13.05 -18.81 -6.00
C PHE A 1079 -14.25 -18.47 -6.87
N LEU A 1080 -14.89 -17.33 -6.60
CA LEU A 1080 -15.99 -16.88 -7.45
C LEU A 1080 -15.54 -16.66 -8.89
N ILE A 1081 -14.37 -16.04 -9.07
CA ILE A 1081 -13.87 -15.77 -10.41
C ILE A 1081 -13.63 -17.06 -11.17
N ASN A 1082 -12.98 -18.04 -10.52
CA ASN A 1082 -12.71 -19.30 -11.19
C ASN A 1082 -14.00 -20.05 -11.51
N ARG A 1083 -14.96 -20.03 -10.59
CA ARG A 1083 -16.25 -20.66 -10.85
C ARG A 1083 -16.96 -19.99 -12.02
N ALA A 1084 -16.87 -18.66 -12.11
CA ALA A 1084 -17.47 -17.95 -13.23
C ALA A 1084 -16.81 -18.32 -14.55
N VAL A 1085 -15.48 -18.47 -14.56
CA VAL A 1085 -14.79 -18.90 -15.76
C VAL A 1085 -15.28 -20.28 -16.20
N GLU A 1086 -15.38 -21.20 -15.24
CA GLU A 1086 -15.84 -22.55 -15.58
C GLU A 1086 -17.28 -22.54 -16.08
N MET A 1087 -18.12 -21.69 -15.49
CA MET A 1087 -19.51 -21.61 -15.92
C MET A 1087 -19.62 -21.05 -17.34
N ALA A 1088 -18.83 -20.00 -17.65
CA ALA A 1088 -18.91 -19.38 -18.96
C ALA A 1088 -18.31 -20.26 -20.04
N ALA A 1089 -17.32 -21.10 -19.69
CA ALA A 1089 -16.71 -21.96 -20.69
C ALA A 1089 -17.67 -23.02 -21.24
N ALA A 1090 -18.75 -23.32 -20.52
CA ALA A 1090 -19.66 -24.39 -20.89
C ALA A 1090 -20.96 -23.90 -21.51
N ALA A 1091 -21.05 -22.60 -21.83
CA ALA A 1091 -22.27 -22.06 -22.39
C ALA A 1091 -22.32 -22.36 -23.88
N LYS A 1092 -23.40 -23.00 -24.32
CA LYS A 1092 -23.58 -23.38 -25.72
C LYS A 1092 -24.80 -22.67 -26.30
N ASP A 1093 -24.97 -22.81 -27.61
CA ASP A 1093 -26.07 -22.18 -28.35
C ASP A 1093 -26.05 -20.66 -28.16
N ASP A 1094 -24.93 -20.07 -28.55
CA ASP A 1094 -24.75 -18.62 -28.47
C ASP A 1094 -24.94 -17.99 -29.84
N LYS A 1095 -25.56 -16.80 -29.86
CA LYS A 1095 -25.73 -16.07 -31.10
C LYS A 1095 -24.37 -15.67 -31.69
N TYR A 1096 -23.45 -15.25 -30.84
CA TYR A 1096 -22.11 -14.88 -31.26
C TYR A 1096 -21.13 -15.99 -30.87
N GLU A 1097 -19.85 -15.78 -31.19
CA GLU A 1097 -18.83 -16.78 -30.92
C GLU A 1097 -18.49 -16.81 -29.43
N ASN A 1098 -18.17 -18.01 -28.95
CA ASN A 1098 -17.70 -18.22 -27.59
C ASN A 1098 -16.19 -18.43 -27.65
N GLN A 1099 -15.43 -17.48 -27.13
CA GLN A 1099 -13.98 -17.54 -27.19
C GLN A 1099 -13.36 -18.21 -25.97
N VAL A 1100 -14.12 -18.35 -24.88
CA VAL A 1100 -13.60 -19.04 -23.70
C VAL A 1100 -13.36 -20.52 -24.02
N ALA A 1101 -14.31 -21.15 -24.74
CA ALA A 1101 -14.12 -22.55 -25.13
C ALA A 1101 -12.92 -22.70 -26.05
N SER A 1102 -12.74 -21.76 -26.99
CA SER A 1102 -11.57 -21.81 -27.87
C SER A 1102 -10.28 -21.70 -27.08
N SER A 1103 -10.24 -20.80 -26.09
CA SER A 1103 -9.05 -20.67 -25.26
C SER A 1103 -8.78 -21.96 -24.48
N VAL A 1104 -9.83 -22.58 -23.96
CA VAL A 1104 -9.66 -23.83 -23.22
C VAL A 1104 -9.10 -24.92 -24.13
N ILE A 1105 -9.63 -25.03 -25.36
CA ILE A 1105 -9.16 -26.04 -26.29
C ILE A 1105 -7.70 -25.79 -26.66
N GLU A 1106 -7.34 -24.54 -26.94
CA GLU A 1106 -5.96 -24.23 -27.28
C GLU A 1106 -5.02 -24.53 -26.14
N ALA A 1107 -5.42 -24.19 -24.90
CA ALA A 1107 -4.58 -24.48 -23.75
C ALA A 1107 -4.40 -25.99 -23.56
N GLU A 1108 -5.47 -26.75 -23.76
CA GLU A 1108 -5.35 -28.20 -23.65
C GLU A 1108 -4.41 -28.77 -24.71
N ARG A 1109 -4.49 -28.26 -25.93
CA ARG A 1109 -3.57 -28.72 -26.98
C ARG A 1109 -2.13 -28.40 -26.63
N VAL A 1110 -1.88 -27.18 -26.15
CA VAL A 1110 -0.51 -26.79 -25.77
C VAL A 1110 0.01 -27.67 -24.65
N LEU A 1111 -0.83 -27.94 -23.65
CA LEU A 1111 -0.41 -28.81 -22.55
C LEU A 1111 -0.14 -30.23 -23.04
N THR A 1112 -0.96 -30.72 -23.98
CA THR A 1112 -0.74 -32.06 -24.50
C THR A 1112 0.59 -32.15 -25.25
N GLU A 1113 0.91 -31.14 -26.05
CA GLU A 1113 2.17 -31.18 -26.79
C GLU A 1113 3.40 -31.08 -25.89
N LYS A 1114 3.24 -30.67 -24.63
CA LYS A 1114 4.35 -30.59 -23.70
C LYS A 1114 4.68 -31.93 -23.04
N GLY A 1115 3.84 -32.94 -23.21
CA GLY A 1115 4.10 -34.24 -22.62
C GLY A 1115 3.37 -34.47 -21.31
N LEU A 1116 2.08 -34.16 -21.27
CA LEU A 1116 1.26 -34.38 -20.10
C LEU A 1116 0.19 -35.44 -20.39
N SER A 1117 -0.25 -36.11 -19.33
CA SER A 1117 -1.31 -37.09 -19.46
C SER A 1117 -2.62 -36.39 -19.85
N PRO A 1118 -3.47 -37.04 -20.64
CA PRO A 1118 -4.72 -36.38 -21.06
C PRO A 1118 -5.59 -35.93 -19.90
N LYS A 1119 -5.68 -36.72 -18.83
CA LYS A 1119 -6.48 -36.32 -17.68
C LYS A 1119 -5.88 -35.10 -17.01
N ASP A 1120 -4.56 -35.08 -16.83
CA ASP A 1120 -3.90 -33.92 -16.24
C ASP A 1120 -4.06 -32.69 -17.11
N ALA A 1121 -3.93 -32.85 -18.43
CA ALA A 1121 -4.08 -31.71 -19.32
C ALA A 1121 -5.49 -31.14 -19.26
N ARG A 1122 -6.49 -32.03 -19.26
CA ARG A 1122 -7.87 -31.57 -19.18
C ARG A 1122 -8.15 -30.88 -17.86
N GLU A 1123 -7.59 -31.40 -16.76
CA GLU A 1123 -7.78 -30.76 -15.47
C GLU A 1123 -7.12 -29.38 -15.41
N ILE A 1124 -5.90 -29.27 -15.94
CA ILE A 1124 -5.14 -28.03 -15.80
C ILE A 1124 -5.55 -26.97 -16.82
N SER A 1125 -6.21 -27.36 -17.91
CA SER A 1125 -6.56 -26.40 -18.96
C SER A 1125 -7.54 -25.32 -18.51
N THR A 1126 -7.97 -25.34 -17.25
CA THR A 1126 -8.92 -24.36 -16.75
C THR A 1126 -8.38 -23.51 -15.61
N PHE A 1127 -7.09 -23.57 -15.33
CA PHE A 1127 -6.51 -22.71 -14.30
C PHE A 1127 -6.40 -21.28 -14.82
N ARG A 1128 -6.89 -20.31 -14.04
CA ARG A 1128 -6.88 -18.92 -14.50
C ARG A 1128 -6.48 -17.91 -13.45
N VAL A 1129 -6.20 -18.31 -12.20
CA VAL A 1129 -5.79 -17.40 -11.15
C VAL A 1129 -4.42 -17.82 -10.64
N PHE A 1130 -3.48 -16.89 -10.62
CA PHE A 1130 -2.10 -17.21 -10.31
C PHE A 1130 -1.52 -16.19 -9.34
N GLY A 1131 -0.42 -16.57 -8.69
CA GLY A 1131 0.23 -15.72 -7.72
C GLY A 1131 1.63 -16.20 -7.43
N GLY A 1132 2.22 -15.62 -6.38
CA GLY A 1132 3.60 -15.92 -6.06
C GLY A 1132 3.79 -17.30 -5.49
N ALA A 1133 4.94 -17.89 -5.82
CA ALA A 1133 5.27 -19.24 -5.37
C ALA A 1133 5.61 -19.24 -3.87
N ASN A 1134 5.28 -20.36 -3.21
CA ASN A 1134 5.49 -20.55 -1.79
C ASN A 1134 4.78 -19.51 -0.93
N GLY A 1135 3.80 -18.82 -1.50
CA GLY A 1135 3.04 -17.84 -0.76
C GLY A 1135 3.77 -16.53 -0.47
N MET A 1136 4.80 -16.21 -1.24
CA MET A 1136 5.49 -14.95 -1.04
C MET A 1136 4.64 -13.78 -1.52
N TYR A 1137 4.96 -12.60 -1.01
CA TYR A 1137 4.14 -11.41 -1.24
C TYR A 1137 4.49 -10.65 -2.52
N GLY A 1138 5.68 -10.86 -3.07
CA GLY A 1138 6.07 -10.14 -4.26
C GLY A 1138 6.41 -11.04 -5.43
N THR A 1139 7.04 -10.46 -6.46
CA THR A 1139 7.47 -11.25 -7.62
C THR A 1139 8.96 -11.60 -7.57
N GLY A 1140 9.76 -10.84 -6.84
CA GLY A 1140 11.17 -11.11 -6.75
C GLY A 1140 11.95 -10.80 -8.01
N ILE A 1141 11.43 -9.92 -8.87
CA ILE A 1141 12.06 -9.65 -10.15
C ILE A 1141 12.85 -8.35 -10.16
N GLN A 1142 12.66 -7.48 -9.17
CA GLN A 1142 13.44 -6.23 -9.13
C GLN A 1142 14.91 -6.50 -8.88
N GLU A 1143 15.23 -7.53 -8.10
CA GLU A 1143 16.63 -7.83 -7.81
C GLU A 1143 17.37 -8.29 -9.05
N MET A 1144 16.70 -9.04 -9.92
CA MET A 1144 17.35 -9.54 -11.14
C MET A 1144 17.52 -8.42 -12.16
N VAL A 1145 16.52 -7.55 -12.30
CA VAL A 1145 16.58 -6.49 -13.30
C VAL A 1145 17.69 -5.50 -12.98
N GLU A 1146 17.83 -5.13 -11.71
CA GLU A 1146 18.80 -4.12 -11.31
C GLU A 1146 20.20 -4.68 -11.12
N SER A 1147 20.40 -5.97 -11.32
CA SER A 1147 21.74 -6.57 -11.37
C SER A 1147 22.11 -6.74 -12.83
N GLY A 1148 22.60 -5.65 -13.43
CA GLY A 1148 22.75 -5.57 -14.87
C GLY A 1148 23.80 -6.50 -15.45
N ASP A 1149 24.76 -6.92 -14.64
CA ASP A 1149 25.86 -7.75 -15.13
C ASP A 1149 25.60 -9.23 -14.99
N ARG A 1150 24.42 -9.64 -14.53
CA ARG A 1150 24.11 -11.04 -14.31
C ARG A 1150 23.10 -11.60 -15.30
N TRP A 1151 22.76 -10.85 -16.35
CA TRP A 1151 21.90 -11.37 -17.40
C TRP A 1151 22.24 -10.67 -18.71
N GLU A 1152 21.87 -11.31 -19.81
CA GLU A 1152 22.19 -10.83 -21.15
C GLU A 1152 20.96 -10.57 -22.00
N ASN A 1153 19.96 -11.44 -21.95
CA ASN A 1153 18.77 -11.35 -22.78
C ASN A 1153 17.53 -11.27 -21.91
N GLU A 1154 16.42 -10.86 -22.53
CA GLU A 1154 15.15 -10.76 -21.83
C GLU A 1154 14.46 -12.12 -21.67
N SER A 1155 14.89 -13.14 -22.42
CA SER A 1155 14.30 -14.46 -22.27
C SER A 1155 14.59 -15.07 -20.90
N GLU A 1156 15.77 -14.82 -20.36
CA GLU A 1156 16.08 -15.28 -19.01
C GLU A 1156 15.15 -14.64 -17.99
N ILE A 1157 14.90 -13.34 -18.12
CA ILE A 1157 13.98 -12.66 -17.22
C ILE A 1157 12.58 -13.21 -17.37
N ALA A 1158 12.17 -13.51 -18.61
CA ALA A 1158 10.85 -14.09 -18.83
C ALA A 1158 10.72 -15.45 -18.16
N ASP A 1159 11.75 -16.30 -18.29
CA ASP A 1159 11.72 -17.60 -17.63
C ASP A 1159 11.65 -17.47 -16.12
N THR A 1160 12.45 -16.55 -15.56
CA THR A 1160 12.43 -16.36 -14.11
C THR A 1160 11.07 -15.87 -13.65
N TYR A 1161 10.45 -14.95 -14.40
CA TYR A 1161 9.13 -14.46 -14.02
C TYR A 1161 8.08 -15.55 -14.11
N LEU A 1162 8.16 -16.39 -15.15
CA LEU A 1162 7.21 -17.50 -15.27
C LEU A 1162 7.37 -18.48 -14.11
N ASN A 1163 8.60 -18.72 -13.68
CA ASN A 1163 8.81 -19.63 -12.56
C ASN A 1163 8.32 -19.04 -11.24
N ASN A 1164 8.59 -17.76 -11.01
CA ASN A 1164 8.33 -17.16 -9.70
C ASN A 1164 6.86 -16.84 -9.45
N MET A 1165 6.03 -16.77 -10.50
CA MET A 1165 4.63 -16.40 -10.36
C MET A 1165 3.70 -17.46 -10.92
N GLY A 1166 4.09 -18.73 -10.83
CA GLY A 1166 3.33 -19.82 -11.41
C GLY A 1166 2.47 -20.62 -10.47
N ALA A 1167 2.25 -20.16 -9.23
CA ALA A 1167 1.40 -20.88 -8.30
C ALA A 1167 -0.07 -20.61 -8.58
N TYR A 1168 -0.92 -21.52 -8.15
CA TYR A 1168 -2.35 -21.47 -8.45
C TYR A 1168 -3.15 -21.24 -7.17
N TYR A 1169 -4.09 -20.31 -7.22
CA TYR A 1169 -4.92 -19.93 -6.07
C TYR A 1169 -6.38 -19.84 -6.45
N GLY A 1170 -6.86 -20.77 -7.28
CA GLY A 1170 -8.21 -20.68 -7.78
C GLY A 1170 -9.25 -21.48 -7.02
N SER A 1171 -8.80 -22.36 -6.13
CA SER A 1171 -9.72 -23.16 -5.34
C SER A 1171 -9.09 -23.49 -4.00
N GLU A 1172 -9.93 -23.90 -3.05
CA GLU A 1172 -9.45 -24.17 -1.70
C GLU A 1172 -8.74 -25.53 -1.62
N LYS A 1173 -9.21 -26.52 -2.39
CA LYS A 1173 -8.61 -27.84 -2.31
C LYS A 1173 -7.25 -27.89 -3.01
N ASN A 1174 -7.03 -27.02 -3.99
CA ASN A 1174 -5.76 -26.92 -4.71
C ASN A 1174 -5.04 -25.62 -4.39
N TRP A 1175 -5.15 -25.17 -3.15
CA TRP A 1175 -4.55 -23.91 -2.73
C TRP A 1175 -3.03 -24.01 -2.80
N GLU A 1176 -2.41 -23.09 -3.54
CA GLU A 1176 -0.96 -22.97 -3.63
C GLU A 1176 -0.34 -24.26 -4.18
N VAL A 1177 -0.70 -24.60 -5.41
CA VAL A 1177 -0.20 -25.78 -6.10
C VAL A 1177 0.56 -25.31 -7.33
N PHE A 1178 1.76 -25.84 -7.54
CA PHE A 1178 2.61 -25.47 -8.66
C PHE A 1178 2.61 -26.60 -9.68
N GLN A 1179 2.24 -26.28 -10.91
CA GLN A 1179 2.29 -27.19 -12.05
C GLN A 1179 3.12 -26.55 -13.15
N LYS A 1180 4.05 -27.32 -13.71
CA LYS A 1180 4.87 -26.80 -14.80
C LYS A 1180 4.02 -26.56 -16.04
N PHE A 1181 4.32 -25.47 -16.74
CA PHE A 1181 3.69 -25.04 -17.99
C PHE A 1181 2.25 -24.60 -17.80
N ALA A 1182 1.74 -24.52 -16.57
CA ALA A 1182 0.37 -24.11 -16.36
C ALA A 1182 0.19 -22.62 -16.62
N PHE A 1183 1.10 -21.79 -16.11
CA PHE A 1183 1.00 -20.36 -16.33
C PHE A 1183 1.22 -20.01 -17.81
N GLU A 1184 2.16 -20.69 -18.47
CA GLU A 1184 2.46 -20.39 -19.86
C GLU A 1184 1.28 -20.71 -20.77
N ALA A 1185 0.61 -21.84 -20.53
CA ALA A 1185 -0.49 -22.23 -21.39
C ALA A 1185 -1.71 -21.32 -21.25
N ALA A 1186 -1.85 -20.63 -20.13
CA ALA A 1186 -2.98 -19.74 -19.91
C ALA A 1186 -2.75 -18.34 -20.47
N LEU A 1187 -1.53 -18.01 -20.89
CA LEU A 1187 -1.23 -16.70 -21.43
C LEU A 1187 -1.34 -16.60 -22.94
N THR A 1188 -1.70 -17.69 -23.61
CA THR A 1188 -1.79 -17.68 -25.06
C THR A 1188 -2.93 -16.80 -25.54
N ARG A 1189 -2.72 -16.16 -26.68
CA ARG A 1189 -3.74 -15.34 -27.35
C ARG A 1189 -4.17 -14.15 -26.49
N THR A 1190 -3.21 -13.58 -25.76
CA THR A 1190 -3.47 -12.41 -24.92
C THR A 1190 -3.20 -11.15 -25.72
N ASP A 1191 -4.10 -10.17 -25.62
CA ASP A 1191 -4.01 -8.95 -26.40
C ASP A 1191 -3.87 -7.67 -25.58
N VAL A 1192 -4.46 -7.61 -24.38
CA VAL A 1192 -4.47 -6.39 -23.59
C VAL A 1192 -4.00 -6.70 -22.17
N VAL A 1193 -3.33 -5.72 -21.56
CA VAL A 1193 -2.91 -5.77 -20.17
C VAL A 1193 -3.46 -4.55 -19.46
N VAL A 1194 -4.09 -4.76 -18.31
CA VAL A 1194 -4.78 -3.70 -17.58
C VAL A 1194 -4.21 -3.60 -16.17
N GLN A 1195 -3.97 -2.38 -15.70
CA GLN A 1195 -3.44 -2.11 -14.38
C GLN A 1195 -4.27 -1.04 -13.70
N PRO A 1196 -4.74 -1.27 -12.47
CA PRO A 1196 -5.51 -0.24 -11.76
C PRO A 1196 -4.63 0.83 -11.14
N ARG A 1197 -5.27 1.95 -10.79
CA ARG A 1197 -4.57 3.10 -10.23
C ARG A 1197 -5.57 3.95 -9.47
N GLN A 1198 -5.26 4.26 -8.20
CA GLN A 1198 -6.23 4.95 -7.37
C GLN A 1198 -5.68 6.11 -6.54
N SER A 1199 -4.37 6.30 -6.46
CA SER A 1199 -3.80 7.29 -5.56
C SER A 1199 -3.31 8.52 -6.31
N ASN A 1200 -3.41 9.67 -5.63
CA ASN A 1200 -2.95 10.94 -6.17
C ASN A 1200 -1.51 11.26 -5.78
N THR A 1201 -0.82 10.36 -5.10
CA THR A 1201 0.52 10.65 -4.61
C THR A 1201 1.63 9.96 -5.40
N TRP A 1202 1.31 8.94 -6.18
CA TRP A 1202 2.31 8.25 -6.98
C TRP A 1202 1.79 8.03 -8.40
N GLY A 1203 2.73 7.88 -9.33
CA GLY A 1203 2.39 7.64 -10.72
C GLY A 1203 3.07 6.41 -11.28
N ALA A 1204 3.23 6.37 -12.61
CA ALA A 1204 3.85 5.20 -13.23
C ALA A 1204 5.35 5.15 -13.00
N LEU A 1205 5.99 6.31 -12.83
CA LEU A 1205 7.44 6.38 -12.69
C LEU A 1205 7.90 6.55 -11.25
N SER A 1206 7.00 6.80 -10.31
CA SER A 1206 7.38 7.05 -8.92
C SER A 1206 7.12 5.86 -8.01
N LEU A 1207 6.62 4.74 -8.53
CA LEU A 1207 6.40 3.53 -7.75
C LEU A 1207 7.02 2.35 -8.48
N ASP A 1208 7.84 1.58 -7.77
CA ASP A 1208 8.55 0.46 -8.39
C ASP A 1208 7.64 -0.75 -8.61
N HIS A 1209 6.64 -0.95 -7.74
CA HIS A 1209 5.75 -2.09 -7.90
C HIS A 1209 4.99 -2.03 -9.22
N VAL A 1210 4.70 -0.81 -9.71
CA VAL A 1210 3.93 -0.66 -10.94
C VAL A 1210 4.68 -1.31 -12.10
N TYR A 1211 5.96 -0.96 -12.27
CA TYR A 1211 6.72 -1.58 -13.35
C TYR A 1211 6.98 -3.05 -13.05
N GLU A 1212 7.32 -3.37 -11.79
CA GLU A 1212 7.60 -4.75 -11.40
C GLU A 1212 6.49 -5.70 -11.82
N PHE A 1213 5.24 -5.30 -11.66
CA PHE A 1213 4.11 -6.16 -12.04
C PHE A 1213 3.73 -5.99 -13.51
N MET A 1214 3.42 -4.76 -13.92
CA MET A 1214 2.88 -4.54 -15.26
C MET A 1214 3.89 -4.89 -16.35
N GLY A 1215 5.12 -4.38 -16.23
CA GLY A 1215 6.12 -4.68 -17.24
C GLY A 1215 6.52 -6.13 -17.25
N GLY A 1216 6.52 -6.79 -16.09
CA GLY A 1216 6.80 -8.22 -16.05
C GLY A 1216 5.74 -9.01 -16.80
N MET A 1217 4.47 -8.68 -16.58
CA MET A 1217 3.41 -9.35 -17.32
C MET A 1217 3.52 -9.07 -18.81
N ASN A 1218 3.82 -7.83 -19.18
CA ASN A 1218 3.96 -7.47 -20.58
C ASN A 1218 5.10 -8.24 -21.24
N LEU A 1219 6.25 -8.34 -20.57
CA LEU A 1219 7.38 -9.07 -21.11
C LEU A 1219 7.07 -10.55 -21.24
N ALA A 1220 6.40 -11.13 -20.25
CA ALA A 1220 6.04 -12.55 -20.34
C ALA A 1220 5.10 -12.79 -21.51
N VAL A 1221 4.10 -11.92 -21.70
CA VAL A 1221 3.18 -12.09 -22.81
C VAL A 1221 3.90 -11.95 -24.14
N ARG A 1222 4.78 -10.96 -24.26
CA ARG A 1222 5.52 -10.78 -25.50
C ARG A 1222 6.39 -11.98 -25.81
N ASN A 1223 7.02 -12.55 -24.79
CA ASN A 1223 7.89 -13.70 -25.01
C ASN A 1223 7.09 -14.96 -25.36
N VAL A 1224 5.90 -15.11 -24.78
CA VAL A 1224 5.11 -16.32 -25.04
C VAL A 1224 4.44 -16.24 -26.40
N THR A 1225 3.73 -15.15 -26.68
CA THR A 1225 2.95 -15.05 -27.91
C THR A 1225 3.75 -14.52 -29.09
N GLY A 1226 4.86 -13.84 -28.86
CA GLY A 1226 5.64 -13.27 -29.94
C GLY A 1226 5.16 -11.93 -30.44
N LYS A 1227 4.17 -11.33 -29.78
CA LYS A 1227 3.64 -10.03 -30.18
C LYS A 1227 3.47 -9.17 -28.94
N ASP A 1228 3.80 -7.89 -29.06
CA ASP A 1228 3.71 -6.97 -27.93
C ASP A 1228 2.27 -6.51 -27.74
N PRO A 1229 1.67 -6.70 -26.57
CA PRO A 1229 0.27 -6.34 -26.37
C PRO A 1229 0.12 -4.86 -26.02
N ASP A 1230 -1.12 -4.46 -25.78
CA ASP A 1230 -1.43 -3.11 -25.36
C ASP A 1230 -1.47 -3.02 -23.83
N ALA A 1231 -1.23 -1.83 -23.31
CA ALA A 1231 -1.20 -1.60 -21.88
C ALA A 1231 -2.09 -0.40 -21.55
N TYR A 1232 -3.04 -0.60 -20.65
CA TYR A 1232 -3.98 0.44 -20.25
C TYR A 1232 -3.97 0.60 -18.74
N LEU A 1233 -4.38 1.78 -18.29
CA LEU A 1233 -4.50 2.11 -16.87
C LEU A 1233 -5.94 2.51 -16.56
N SER A 1234 -6.46 1.99 -15.45
CA SER A 1234 -7.80 2.33 -14.97
C SER A 1234 -7.65 3.45 -13.94
N ASP A 1235 -8.08 4.65 -14.31
CA ASP A 1235 -7.93 5.82 -13.47
C ASP A 1235 -9.16 5.96 -12.58
N TYR A 1236 -8.98 5.69 -11.28
CA TYR A 1236 -9.99 5.84 -10.24
C TYR A 1236 -9.79 7.09 -9.40
N ARG A 1237 -8.82 7.94 -9.74
CA ARG A 1237 -8.44 9.03 -8.84
C ARG A 1237 -9.59 10.00 -8.62
N ASN A 1238 -10.32 10.33 -9.68
CA ASN A 1238 -11.50 11.18 -9.57
C ASN A 1238 -12.72 10.27 -9.39
N ARG A 1239 -13.27 10.25 -8.17
CA ARG A 1239 -14.35 9.34 -7.87
C ARG A 1239 -15.63 9.67 -8.64
N ASN A 1240 -15.77 10.91 -9.12
CA ASN A 1240 -16.89 11.28 -9.95
C ASN A 1240 -16.60 11.15 -11.44
N HIS A 1241 -15.36 10.85 -11.81
CA HIS A 1241 -14.99 10.69 -13.23
C HIS A 1241 -13.86 9.68 -13.30
N MET A 1242 -14.22 8.41 -13.51
CA MET A 1242 -13.24 7.35 -13.71
C MET A 1242 -13.04 7.13 -15.21
N LYS A 1243 -11.82 6.75 -15.59
CA LYS A 1243 -11.55 6.68 -17.02
C LYS A 1243 -10.51 5.60 -17.31
N MET A 1244 -10.16 5.48 -18.60
CA MET A 1244 -9.17 4.54 -19.09
C MET A 1244 -8.13 5.32 -19.89
N GLN A 1245 -6.86 5.05 -19.64
CA GLN A 1245 -5.79 5.79 -20.29
C GLN A 1245 -4.73 4.84 -20.83
N GLU A 1246 -3.98 5.33 -21.83
CA GLU A 1246 -2.89 4.59 -22.42
C GLU A 1246 -1.60 4.84 -21.64
N LEU A 1247 -0.71 3.84 -21.64
CA LEU A 1247 0.47 3.91 -20.80
C LEU A 1247 1.43 5.00 -21.24
N LYS A 1248 1.70 5.08 -22.55
CA LYS A 1248 2.69 6.04 -23.04
C LYS A 1248 2.23 7.48 -22.81
N GLU A 1249 0.93 7.74 -22.97
CA GLU A 1249 0.41 9.06 -22.70
C GLU A 1249 0.58 9.44 -21.24
N ALA A 1250 0.34 8.50 -20.32
CA ALA A 1250 0.54 8.76 -18.90
C ALA A 1250 2.01 9.03 -18.60
N VAL A 1251 2.90 8.26 -19.21
CA VAL A 1251 4.34 8.49 -19.02
C VAL A 1251 4.72 9.88 -19.50
N GLY A 1252 4.21 10.28 -20.67
CA GLY A 1252 4.51 11.62 -21.17
C GLY A 1252 4.00 12.72 -20.25
N VAL A 1253 2.77 12.57 -19.75
CA VAL A 1253 2.21 13.56 -18.83
C VAL A 1253 3.07 13.67 -17.57
N GLU A 1254 3.40 12.53 -16.97
CA GLU A 1254 4.17 12.54 -15.73
C GLU A 1254 5.55 13.13 -15.94
N SER A 1255 6.21 12.80 -17.06
CA SER A 1255 7.52 13.36 -17.32
C SER A 1255 7.45 14.87 -17.54
N ARG A 1256 6.45 15.33 -18.29
CA ARG A 1256 6.35 16.77 -18.58
C ARG A 1256 5.92 17.58 -17.36
N THR A 1257 5.28 16.96 -16.38
CA THR A 1257 4.77 17.72 -15.25
C THR A 1257 5.66 17.72 -14.02
N THR A 1258 6.54 16.75 -13.84
CA THR A 1258 7.29 16.64 -12.60
C THR A 1258 8.80 16.86 -12.75
N ILE A 1259 9.48 16.06 -13.55
CA ILE A 1259 10.94 16.10 -13.51
C ILE A 1259 11.55 17.06 -14.52
N LEU A 1260 10.79 17.51 -15.51
CA LEU A 1260 11.23 18.54 -16.43
C LEU A 1260 10.56 19.88 -16.17
N ASN A 1261 9.84 20.00 -15.05
CA ASN A 1261 9.10 21.21 -14.71
C ASN A 1261 9.89 22.02 -13.70
N PRO A 1262 10.24 23.27 -13.99
CA PRO A 1262 11.03 24.06 -13.02
C PRO A 1262 10.33 24.25 -11.69
N THR A 1263 9.00 24.37 -11.68
CA THR A 1263 8.28 24.60 -10.43
C THR A 1263 8.45 23.44 -9.47
N TYR A 1264 8.32 22.21 -9.98
CA TYR A 1264 8.50 21.02 -9.13
C TYR A 1264 9.91 20.95 -8.57
N ILE A 1265 10.91 21.24 -9.40
CA ILE A 1265 12.30 21.16 -8.94
C ILE A 1265 12.56 22.22 -7.88
N LYS A 1266 12.07 23.44 -8.08
CA LYS A 1266 12.28 24.49 -7.09
C LYS A 1266 11.54 24.21 -5.80
N GLU A 1267 10.36 23.59 -5.87
CA GLU A 1267 9.67 23.20 -4.63
C GLU A 1267 10.44 22.09 -3.90
N LYS A 1268 11.00 21.15 -4.65
CA LYS A 1268 11.72 20.04 -4.02
C LYS A 1268 13.06 20.50 -3.45
N MET A 1269 13.67 21.53 -4.03
CA MET A 1269 14.99 21.96 -3.56
C MET A 1269 14.96 22.72 -2.25
N LYS A 1270 13.86 22.73 -1.51
CA LYS A 1270 13.81 23.35 -0.20
C LYS A 1270 13.82 22.32 0.94
N GLY A 1271 14.11 21.06 0.64
CA GLY A 1271 14.10 20.01 1.63
C GLY A 1271 15.48 19.48 1.98
N GLY A 1272 15.55 18.19 2.31
CA GLY A 1272 16.78 17.55 2.73
C GLY A 1272 17.10 16.34 1.88
N ALA A 1273 17.69 15.33 2.52
CA ALA A 1273 18.13 14.14 1.81
C ALA A 1273 16.95 13.27 1.37
N SER A 1274 15.90 13.22 2.20
CA SER A 1274 14.72 12.43 1.83
C SER A 1274 14.07 12.96 0.57
N SER A 1275 14.05 14.29 0.41
CA SER A 1275 13.57 14.87 -0.84
C SER A 1275 14.51 14.56 -2.00
N ALA A 1276 15.81 14.46 -1.73
CA ALA A 1276 16.79 14.23 -2.78
C ALA A 1276 16.81 12.80 -3.28
N SER A 1277 16.33 11.83 -2.49
CA SER A 1277 16.32 10.44 -2.94
C SER A 1277 15.28 10.18 -4.04
N GLU A 1278 14.28 11.06 -4.16
CA GLU A 1278 13.19 10.82 -5.10
C GLU A 1278 13.68 10.85 -6.54
N PHE A 1279 14.62 11.73 -6.85
CA PHE A 1279 15.15 11.81 -8.21
C PHE A 1279 15.81 10.49 -8.61
N ALA A 1280 16.64 9.94 -7.72
CA ALA A 1280 17.28 8.66 -8.00
C ALA A 1280 16.24 7.55 -8.14
N GLU A 1281 15.21 7.57 -7.29
CA GLU A 1281 14.15 6.56 -7.41
C GLU A 1281 13.46 6.64 -8.78
N VAL A 1282 13.15 7.85 -9.24
CA VAL A 1282 12.47 8.02 -10.52
C VAL A 1282 13.38 7.56 -11.66
N ILE A 1283 14.67 7.88 -11.60
CA ILE A 1283 15.58 7.46 -12.65
C ILE A 1283 15.68 5.94 -12.71
N THR A 1284 15.76 5.30 -11.53
CA THR A 1284 15.82 3.84 -11.50
C THR A 1284 14.54 3.22 -12.07
N ASN A 1285 13.38 3.79 -11.74
CA ASN A 1285 12.13 3.27 -12.29
C ASN A 1285 12.07 3.47 -13.81
N THR A 1286 12.60 4.59 -14.30
CA THR A 1286 12.66 4.80 -15.75
C THR A 1286 13.54 3.74 -16.42
N TYR A 1287 14.68 3.42 -15.83
CA TYR A 1287 15.52 2.36 -16.36
C TYR A 1287 14.79 1.03 -16.37
N GLY A 1288 14.07 0.72 -15.29
CA GLY A 1288 13.31 -0.52 -15.26
C GLY A 1288 12.23 -0.58 -16.31
N TRP A 1289 11.50 0.51 -16.51
CA TRP A 1289 10.48 0.54 -17.55
C TRP A 1289 11.09 0.38 -18.94
N ASN A 1290 12.23 1.02 -19.19
CA ASN A 1290 12.89 0.86 -20.47
C ASN A 1290 13.33 -0.58 -20.69
N VAL A 1291 13.72 -1.28 -19.62
CA VAL A 1291 14.06 -2.69 -19.77
C VAL A 1291 12.83 -3.52 -20.08
N MET A 1292 11.73 -3.29 -19.35
CA MET A 1292 10.55 -4.15 -19.50
C MET A 1292 9.84 -3.94 -20.83
N LYS A 1293 9.58 -2.68 -21.19
CA LYS A 1293 8.82 -2.35 -22.39
C LYS A 1293 9.57 -1.30 -23.18
N PRO A 1294 10.43 -1.72 -24.12
CA PRO A 1294 11.28 -0.75 -24.83
C PRO A 1294 10.53 0.32 -25.59
N ALA A 1295 9.34 0.01 -26.11
CA ALA A 1295 8.63 0.94 -26.98
C ALA A 1295 8.01 2.12 -26.24
N ALA A 1296 7.95 2.07 -24.90
CA ALA A 1296 7.32 3.14 -24.14
C ALA A 1296 8.28 4.25 -23.72
N ILE A 1297 9.58 4.06 -23.92
CA ILE A 1297 10.59 5.05 -23.51
C ILE A 1297 11.35 5.50 -24.76
N ASP A 1298 11.42 6.80 -24.96
CA ASP A 1298 12.07 7.38 -26.14
C ASP A 1298 13.46 7.89 -25.80
N LYS A 1299 14.26 8.10 -26.85
CA LYS A 1299 15.59 8.67 -26.68
C LYS A 1299 15.52 10.13 -26.26
N GLU A 1300 14.49 10.85 -26.70
CA GLU A 1300 14.37 12.26 -26.35
C GLU A 1300 14.16 12.46 -24.86
N LEU A 1301 13.53 11.49 -24.18
CA LEU A 1301 13.38 11.59 -22.73
C LEU A 1301 14.74 11.54 -22.03
N TRP A 1302 15.60 10.60 -22.45
CA TRP A 1302 16.95 10.54 -21.88
C TRP A 1302 17.73 11.81 -22.21
N ASP A 1303 17.57 12.34 -23.43
CA ASP A 1303 18.26 13.56 -23.79
C ASP A 1303 17.82 14.73 -22.91
N ASN A 1304 16.51 14.84 -22.66
CA ASN A 1304 16.00 15.92 -21.82
C ASN A 1304 16.50 15.78 -20.38
N ILE A 1305 16.52 14.55 -19.86
CA ILE A 1305 17.04 14.34 -18.50
C ILE A 1305 18.51 14.73 -18.44
N TYR A 1306 19.29 14.35 -19.45
CA TYR A 1306 20.70 14.73 -19.50
C TYR A 1306 20.87 16.24 -19.54
N ASN A 1307 20.07 16.92 -20.35
CA ASN A 1307 20.17 18.38 -20.44
C ASN A 1307 19.82 19.03 -19.11
N VAL A 1308 18.80 18.53 -18.42
CA VAL A 1308 18.36 19.18 -17.19
C VAL A 1308 19.35 18.94 -16.06
N TYR A 1309 19.79 17.69 -15.88
CA TYR A 1309 20.50 17.32 -14.65
C TYR A 1309 22.00 17.20 -14.81
N VAL A 1310 22.55 17.31 -16.02
CA VAL A 1310 23.99 17.21 -16.20
C VAL A 1310 24.55 18.53 -16.71
N LYS A 1311 23.73 19.26 -17.47
CA LYS A 1311 24.15 20.54 -18.02
C LYS A 1311 23.53 21.75 -17.34
N ASP A 1312 22.44 21.55 -16.59
CA ASP A 1312 21.77 22.62 -15.85
C ASP A 1312 21.33 23.75 -16.79
N GLU A 1313 20.44 23.40 -17.73
CA GLU A 1313 19.96 24.37 -18.70
C GLU A 1313 18.88 25.27 -18.14
N LEU A 1314 18.29 24.94 -17.00
CA LEU A 1314 17.28 25.78 -16.37
C LEU A 1314 17.87 26.81 -15.42
N ASN A 1315 19.19 26.77 -15.19
CA ASN A 1315 19.89 27.73 -14.33
C ASN A 1315 19.31 27.74 -12.92
N LEU A 1316 19.12 26.54 -12.37
CA LEU A 1316 18.62 26.39 -11.00
C LEU A 1316 19.70 26.04 -9.99
N GLY A 1317 20.84 25.52 -10.43
CA GLY A 1317 21.90 25.16 -9.51
C GLY A 1317 21.60 23.91 -8.71
N VAL A 1318 21.46 22.77 -9.40
CA VAL A 1318 21.10 21.52 -8.72
C VAL A 1318 22.32 20.78 -8.20
N LYS A 1319 23.48 20.94 -8.83
CA LYS A 1319 24.67 20.23 -8.39
C LYS A 1319 25.07 20.65 -6.98
N GLN A 1320 25.02 21.95 -6.69
CA GLN A 1320 25.32 22.42 -5.34
C GLN A 1320 24.32 21.89 -4.33
N TYR A 1321 23.05 21.84 -4.70
CA TYR A 1321 22.02 21.29 -3.81
C TYR A 1321 22.32 19.83 -3.48
N PHE A 1322 22.66 19.03 -4.49
CA PHE A 1322 22.96 17.63 -4.24
C PHE A 1322 24.24 17.48 -3.42
N GLU A 1323 25.25 18.31 -3.68
CA GLU A 1323 26.48 18.24 -2.91
C GLU A 1323 26.24 18.56 -1.44
N GLN A 1324 25.39 19.56 -1.16
CA GLN A 1324 25.14 19.96 0.21
C GLN A 1324 24.09 19.10 0.91
N GLN A 1325 23.32 18.28 0.18
CA GLN A 1325 22.28 17.47 0.80
C GLN A 1325 22.56 15.98 0.71
N ASN A 1326 22.78 15.42 -0.49
CA ASN A 1326 22.89 13.98 -0.62
C ASN A 1326 23.65 13.59 -1.88
N PRO A 1327 24.98 13.48 -1.83
CA PRO A 1327 25.73 13.09 -3.04
C PRO A 1327 25.42 11.69 -3.53
N ALA A 1328 24.95 10.79 -2.66
CA ALA A 1328 24.70 9.41 -3.04
C ALA A 1328 23.64 9.33 -4.14
N ALA A 1329 22.62 10.18 -4.06
CA ALA A 1329 21.59 10.20 -5.09
C ALA A 1329 22.17 10.58 -6.45
N LEU A 1330 23.05 11.58 -6.48
CA LEU A 1330 23.67 11.98 -7.74
C LEU A 1330 24.55 10.86 -8.30
N GLU A 1331 25.31 10.19 -7.43
CA GLU A 1331 26.10 9.05 -7.87
C GLU A 1331 25.21 7.97 -8.48
N GLU A 1332 24.09 7.67 -7.82
CA GLU A 1332 23.18 6.64 -8.32
C GLU A 1332 22.60 7.03 -9.68
N MET A 1333 22.20 8.30 -9.83
CA MET A 1333 21.63 8.74 -11.09
C MET A 1333 22.63 8.61 -12.23
N THR A 1334 23.86 9.06 -12.00
CA THR A 1334 24.88 8.96 -13.03
C THR A 1334 25.17 7.51 -13.39
N ALA A 1335 25.25 6.64 -12.37
CA ALA A 1335 25.51 5.23 -12.62
C ALA A 1335 24.38 4.59 -13.43
N VAL A 1336 23.13 4.94 -13.12
CA VAL A 1336 22.01 4.36 -13.85
C VAL A 1336 22.02 4.81 -15.31
N MET A 1337 22.28 6.10 -15.54
CA MET A 1337 22.34 6.58 -16.92
C MET A 1337 23.47 5.91 -17.69
N LEU A 1338 24.64 5.73 -17.05
CA LEU A 1338 25.74 5.07 -17.73
C LEU A 1338 25.43 3.60 -18.01
N GLU A 1339 24.76 2.92 -17.09
CA GLU A 1339 24.37 1.53 -17.34
C GLU A 1339 23.38 1.42 -18.50
N SER A 1340 22.42 2.36 -18.56
CA SER A 1340 21.50 2.38 -19.70
C SER A 1340 22.25 2.59 -21.01
N ALA A 1341 23.25 3.46 -21.01
CA ALA A 1341 24.06 3.66 -22.21
C ALA A 1341 24.83 2.40 -22.57
N ARG A 1342 25.36 1.69 -21.56
CA ARG A 1342 26.17 0.50 -21.84
C ARG A 1342 25.33 -0.65 -22.40
N LYS A 1343 24.15 -0.87 -21.83
CA LYS A 1343 23.34 -2.03 -22.23
C LYS A 1343 22.77 -1.88 -23.64
N GLY A 1344 22.86 -0.70 -24.25
CA GLY A 1344 22.30 -0.48 -25.57
C GLY A 1344 20.88 0.04 -25.57
N LEU A 1345 20.28 0.25 -24.40
CA LEU A 1345 18.92 0.78 -24.34
C LEU A 1345 18.86 2.23 -24.79
N TRP A 1346 19.90 3.02 -24.49
CA TRP A 1346 19.97 4.42 -24.88
C TRP A 1346 21.09 4.60 -25.88
N GLN A 1347 20.78 5.28 -26.99
CA GLN A 1347 21.77 5.53 -28.05
C GLN A 1347 22.39 6.91 -27.81
N ALA A 1348 23.26 6.97 -26.81
CA ALA A 1348 23.95 8.22 -26.46
C ALA A 1348 25.16 8.42 -27.35
N SER A 1349 25.63 9.67 -27.39
CA SER A 1349 26.81 10.02 -28.16
C SER A 1349 28.05 9.99 -27.27
N GLU A 1350 29.21 10.23 -27.88
CA GLU A 1350 30.46 10.16 -27.12
C GLU A 1350 30.58 11.29 -26.10
N GLU A 1351 30.13 12.49 -26.47
CA GLU A 1351 30.25 13.63 -25.57
C GLU A 1351 29.44 13.41 -24.29
N GLN A 1352 28.22 12.90 -24.43
CA GLN A 1352 27.38 12.66 -23.25
C GLN A 1352 28.00 11.62 -22.34
N VAL A 1353 28.53 10.54 -22.91
CA VAL A 1353 29.18 9.50 -22.11
C VAL A 1353 30.39 10.06 -21.39
N ALA A 1354 31.20 10.86 -22.09
CA ALA A 1354 32.39 11.45 -21.47
C ALA A 1354 32.00 12.36 -20.31
N GLU A 1355 31.00 13.21 -20.51
CA GLU A 1355 30.56 14.11 -19.45
C GLU A 1355 30.04 13.34 -18.23
N LEU A 1356 29.22 12.31 -18.48
CA LEU A 1356 28.69 11.51 -17.38
C LEU A 1356 29.81 10.82 -16.61
N SER A 1357 30.78 10.25 -17.33
CA SER A 1357 31.89 9.57 -16.65
C SER A 1357 32.71 10.55 -15.83
N LYS A 1358 32.99 11.73 -16.38
CA LYS A 1358 33.76 12.73 -15.66
C LYS A 1358 33.05 13.15 -14.38
N LEU A 1359 31.75 13.44 -14.48
CA LEU A 1359 31.00 13.85 -13.30
C LEU A 1359 30.96 12.75 -12.25
N HIS A 1360 30.73 11.50 -12.68
CA HIS A 1360 30.64 10.39 -11.75
C HIS A 1360 31.96 10.20 -11.00
N THR A 1361 33.08 10.19 -11.73
CA THR A 1361 34.37 9.99 -11.09
C THR A 1361 34.70 11.14 -10.15
N GLU A 1362 34.40 12.38 -10.56
CA GLU A 1362 34.67 13.52 -9.69
C GLU A 1362 33.89 13.42 -8.38
N ILE A 1363 32.59 13.12 -8.46
CA ILE A 1363 31.78 13.03 -7.26
C ILE A 1363 32.27 11.89 -6.36
N VAL A 1364 32.58 10.73 -6.96
CA VAL A 1364 33.03 9.60 -6.17
C VAL A 1364 34.33 9.92 -5.45
N ASN A 1365 35.28 10.54 -6.15
CA ASN A 1365 36.55 10.87 -5.53
C ASN A 1365 36.38 11.92 -4.43
N THR A 1366 35.51 12.90 -4.64
CA THR A 1366 35.39 13.97 -3.66
C THR A 1366 34.65 13.52 -2.41
N TYR A 1367 33.56 12.75 -2.55
CA TYR A 1367 32.68 12.48 -1.43
C TYR A 1367 32.60 11.00 -1.05
N ARG A 1368 33.49 10.16 -1.59
CA ARG A 1368 33.61 8.73 -1.24
C ARG A 1368 32.40 7.93 -1.73
N PRO A 1369 32.58 6.64 -2.03
CA PRO A 1369 31.47 5.85 -2.58
C PRO A 1369 30.35 5.64 -1.58
N SER A 1370 29.14 5.48 -2.11
CA SER A 1370 27.98 5.17 -1.29
C SER A 1370 27.71 3.67 -1.23
N CYS A 1371 28.13 2.93 -2.25
CA CYS A 1371 28.03 1.47 -2.31
C CYS A 1371 26.58 0.98 -2.23
N SER A 1372 25.82 1.34 -3.25
CA SER A 1372 24.58 0.65 -3.55
C SER A 1372 24.91 -0.51 -4.51
N GLY A 1373 23.88 -1.12 -5.10
CA GLY A 1373 24.12 -2.19 -6.04
C GLY A 1373 24.82 -1.73 -7.31
N PHE A 1374 24.44 -0.56 -7.81
CA PHE A 1374 25.00 -0.08 -9.07
C PHE A 1374 26.44 0.38 -8.92
N VAL A 1375 26.81 0.90 -7.76
CA VAL A 1375 28.09 1.59 -7.62
C VAL A 1375 29.21 0.63 -7.24
N CYS A 1376 28.99 -0.26 -6.27
CA CYS A 1376 30.06 -1.09 -5.72
C CYS A 1376 29.89 -2.58 -6.01
N ASP A 1377 28.97 -2.96 -6.88
CA ASP A 1377 28.76 -4.39 -7.14
C ASP A 1377 28.50 -4.67 -8.62
N ASN A 1378 29.10 -3.90 -9.51
CA ASN A 1378 28.94 -4.10 -10.95
C ASN A 1378 30.31 -3.93 -11.60
N ALA A 1379 30.93 -5.06 -11.97
CA ALA A 1379 32.30 -5.02 -12.50
C ALA A 1379 32.32 -4.47 -13.92
N LYS A 1380 31.40 -4.92 -14.77
CA LYS A 1380 31.40 -4.49 -16.17
C LYS A 1380 31.13 -3.00 -16.28
N LEU A 1381 30.18 -2.49 -15.48
CA LEU A 1381 29.93 -1.05 -15.47
C LEU A 1381 31.16 -0.29 -14.98
N ARG A 1382 31.85 -0.84 -13.99
CA ARG A 1382 33.07 -0.20 -13.49
C ARG A 1382 34.12 -0.08 -14.58
N ASP A 1383 34.33 -1.17 -15.34
CA ASP A 1383 35.30 -1.12 -16.43
C ASP A 1383 34.86 -0.15 -17.52
N PHE A 1384 33.57 -0.14 -17.84
CA PHE A 1384 33.05 0.77 -18.86
C PHE A 1384 33.27 2.22 -18.45
N ILE A 1385 33.01 2.55 -17.18
CA ILE A 1385 33.24 3.91 -16.71
C ILE A 1385 34.71 4.25 -16.72
N ALA A 1386 35.56 3.31 -16.30
CA ALA A 1386 37.00 3.57 -16.26
C ALA A 1386 37.56 3.83 -17.65
N SER A 1387 37.06 3.11 -18.66
CA SER A 1387 37.62 3.24 -20.00
C SER A 1387 37.30 4.58 -20.65
N LYS A 1388 36.27 5.29 -20.18
CA LYS A 1388 35.83 6.54 -20.79
C LYS A 1388 36.45 7.77 -20.16
N ALA A 1389 37.28 7.62 -19.14
CA ALA A 1389 37.85 8.74 -18.40
C ALA A 1389 39.35 8.78 -18.58
N ASP A 1390 39.99 9.72 -17.89
CA ASP A 1390 41.44 9.86 -17.96
C ASP A 1390 42.12 8.73 -17.18
N ALA A 1391 43.39 8.50 -17.52
CA ALA A 1391 44.11 7.35 -16.96
C ALA A 1391 44.33 7.50 -15.46
N GLN A 1392 44.85 8.65 -15.03
CA GLN A 1392 45.07 8.87 -13.60
C GLN A 1392 43.73 8.91 -12.84
N THR A 1393 42.71 9.52 -13.43
CA THR A 1393 41.38 9.51 -12.83
C THR A 1393 40.84 8.09 -12.74
N ALA A 1394 41.09 7.28 -13.77
CA ALA A 1394 40.64 5.89 -13.74
C ALA A 1394 41.32 5.12 -12.62
N THR A 1395 42.63 5.30 -12.46
CA THR A 1395 43.35 4.60 -11.40
C THR A 1395 42.86 5.03 -10.03
N GLN A 1396 42.65 6.33 -9.83
CA GLN A 1396 42.15 6.80 -8.54
C GLN A 1396 40.75 6.27 -8.28
N TYR A 1397 39.90 6.24 -9.29
CA TYR A 1397 38.55 5.70 -9.14
C TYR A 1397 38.58 4.22 -8.77
N LYS A 1398 39.44 3.45 -9.44
CA LYS A 1398 39.54 2.03 -9.14
C LYS A 1398 40.05 1.78 -7.72
N GLU A 1399 41.05 2.56 -7.30
CA GLU A 1399 41.57 2.37 -5.95
C GLU A 1399 40.57 2.81 -4.90
N ASN A 1400 39.76 3.83 -5.19
CA ASN A 1400 38.68 4.21 -4.28
C ASN A 1400 37.63 3.11 -4.18
N ILE A 1401 37.29 2.48 -5.31
CA ILE A 1401 36.29 1.42 -5.30
C ILE A 1401 36.80 0.20 -4.53
N SER A 1402 38.07 -0.16 -4.73
CA SER A 1402 38.59 -1.38 -4.14
C SER A 1402 38.74 -1.32 -2.63
N LYS A 1403 38.63 -0.14 -2.01
CA LYS A 1403 38.84 -0.05 -0.57
C LYS A 1403 37.70 -0.68 0.22
N ILE A 1404 36.47 -0.59 -0.29
CA ILE A 1404 35.31 -1.07 0.48
C ILE A 1404 35.18 -2.58 0.38
N ARG A 1405 35.61 -3.19 -0.71
CA ARG A 1405 35.53 -4.63 -0.86
C ARG A 1405 36.61 -5.35 -0.05
#